data_5AEC
#
_entry.id   5AEC
#
_cell.length_a   54.963
_cell.length_b   93.317
_cell.length_c   161.893
_cell.angle_alpha   90.00
_cell.angle_beta   90.00
_cell.angle_gamma   90.00
#
_symmetry.space_group_name_H-M   'P 21 21 21'
#
loop_
_entity.id
_entity.type
_entity.pdbx_description
1 polymer '3,6-DIKETOCAMPHANE 1,6 MONOOXYGENASE'
2 non-polymer "PIPERAZINE-N,N'-BIS(2-ETHANESULFONIC ACID)"
3 non-polymer GLYCEROL
4 non-polymer 'SULFATE ION'
5 non-polymer 'CHLORIDE ION'
6 water water
#
_entity_poly.entity_id   1
_entity_poly.type   'polypeptide(L)'
_entity_poly.pdbx_seq_one_letter_code
;MAMETGLIFHPYMRPGRSARQTFDWGIKSAVQADSVGIDSMMISEHASQIWENIPNPELLIAAAALQTKNIKFAPMAHLL
PHQHPAKLATMIGWLSQILEGRYFLGIGAGAYPQASYMHGIRNAGQSNTATGGEETKNLNDMVRESLFIMEKIWKREPFF
HEGKYWDAGYPEELEGEEGDEQHKLADFSPWGGKAPEIAVTGFSYNSPSMRLAGERNFKPVSIFSGLDALKRHWEVYSEA
AIEAGHTPDRSRHAVSHTVFCADTDKEAKRLVMEGPIGYCFERYLIPIWRRFGMMDGYAKDAGIDPVDADLEFLVDNVFL
VGSPDTVTEKINALFEATGGWGTLQVEAHDYYDDPAPWFQSLELISKEVAPKILLPKR
;
_entity_poly.pdbx_strand_id   A,B
#
# COMPACT_ATOMS: atom_id res chain seq x y z
N ALA A 2 11.12 -8.65 -30.39
CA ALA A 2 10.92 -7.17 -30.54
C ALA A 2 11.34 -6.42 -29.26
N MET A 3 11.88 -5.23 -29.46
CA MET A 3 12.03 -4.25 -28.40
C MET A 3 10.65 -3.91 -27.83
N GLU A 4 10.52 -3.97 -26.50
CA GLU A 4 9.27 -3.61 -25.85
C GLU A 4 9.29 -2.12 -25.53
N THR A 5 8.09 -1.59 -25.29
CA THR A 5 7.91 -0.22 -24.80
C THR A 5 7.49 -0.33 -23.34
N GLY A 6 8.05 0.53 -22.51
CA GLY A 6 7.73 0.62 -21.09
C GLY A 6 7.45 2.06 -20.71
N LEU A 7 6.83 2.22 -19.54
CA LEU A 7 6.61 3.52 -18.95
C LEU A 7 7.40 3.57 -17.62
N ILE A 8 8.06 4.69 -17.34
CA ILE A 8 8.57 4.95 -15.98
C ILE A 8 7.92 6.23 -15.45
N PHE A 9 7.21 6.07 -14.33
CA PHE A 9 6.30 7.03 -13.75
C PHE A 9 6.96 7.49 -12.44
N HIS A 10 7.68 8.60 -12.50
CA HIS A 10 8.26 9.24 -11.31
C HIS A 10 7.29 9.94 -10.30
N PRO A 11 6.26 10.69 -10.67
CA PRO A 11 5.94 11.05 -11.99
CA PRO A 11 5.85 11.04 -12.07
C PRO A 11 6.76 12.35 -11.93
C PRO A 11 6.15 12.39 -12.76
N TYR A 12 6.38 13.32 -12.69
N TYR A 12 6.97 13.23 -12.15
CA TYR A 12 7.03 14.62 -12.61
CA TYR A 12 7.09 14.63 -12.54
C TYR A 12 5.76 15.42 -12.63
N MET A 13 5.01 15.37 -11.51
CA MET A 13 3.77 16.12 -11.38
CA MET A 13 3.77 16.12 -11.39
C MET A 13 4.15 17.56 -11.09
N ARG A 14 3.45 18.48 -11.74
CA ARG A 14 3.69 19.89 -11.49
CA ARG A 14 3.70 19.89 -11.50
C ARG A 14 3.41 20.23 -10.04
N PRO A 15 4.30 20.99 -9.39
CA PRO A 15 4.03 21.39 -8.01
C PRO A 15 2.65 21.99 -7.90
N GLY A 16 1.89 21.58 -6.90
CA GLY A 16 0.50 22.00 -6.77
C GLY A 16 -0.53 20.97 -7.12
N ARG A 17 -0.16 19.95 -7.90
CA ARG A 17 -1.08 18.82 -8.07
C ARG A 17 -1.37 18.17 -6.73
N SER A 18 -2.64 17.85 -6.50
CA SER A 18 -3.04 17.11 -5.31
C SER A 18 -2.67 15.62 -5.39
N ALA A 19 -2.74 14.96 -4.25
CA ALA A 19 -2.55 13.51 -4.17
C ALA A 19 -3.58 12.75 -5.00
N ARG A 20 -4.86 13.18 -4.93
CA ARG A 20 -5.94 12.55 -5.71
CA ARG A 20 -5.94 12.55 -5.71
C ARG A 20 -5.71 12.69 -7.21
N GLN A 21 -5.32 13.89 -7.65
CA GLN A 21 -4.97 14.11 -9.07
C GLN A 21 -3.80 13.23 -9.54
N THR A 22 -2.77 13.16 -8.72
CA THR A 22 -1.59 12.35 -9.01
C THR A 22 -1.98 10.88 -9.15
N PHE A 23 -2.79 10.39 -8.22
CA PHE A 23 -3.22 9.00 -8.17
C PHE A 23 -4.14 8.66 -9.34
N ASP A 24 -5.04 9.59 -9.64
CA ASP A 24 -5.92 9.47 -10.82
C ASP A 24 -5.09 9.41 -12.11
N TRP A 25 -4.10 10.29 -12.25
CA TRP A 25 -3.23 10.25 -13.43
C TRP A 25 -2.45 8.94 -13.56
N GLY A 26 -1.98 8.40 -12.42
CA GLY A 26 -1.30 7.12 -12.43
C GLY A 26 -2.17 5.97 -12.92
N ILE A 27 -3.41 5.93 -12.44
CA ILE A 27 -4.34 4.85 -12.82
C ILE A 27 -4.67 4.96 -14.28
N LYS A 28 -5.04 6.17 -14.70
CA LYS A 28 -5.33 6.46 -16.11
CA LYS A 28 -5.33 6.46 -16.11
C LYS A 28 -4.15 6.10 -17.02
N SER A 29 -2.93 6.38 -16.55
CA SER A 29 -1.72 6.11 -17.31
C SER A 29 -1.52 4.58 -17.41
N ALA A 30 -1.72 3.87 -16.31
CA ALA A 30 -1.58 2.39 -16.31
C ALA A 30 -2.58 1.73 -17.27
N VAL A 31 -3.83 2.22 -17.23
CA VAL A 31 -4.91 1.69 -18.08
C VAL A 31 -4.63 1.94 -19.54
N GLN A 32 -4.22 3.16 -19.87
CA GLN A 32 -3.95 3.53 -21.24
C GLN A 32 -2.74 2.80 -21.80
N ALA A 33 -1.69 2.70 -20.99
CA ALA A 33 -0.46 1.99 -21.38
C ALA A 33 -0.77 0.52 -21.70
N ASP A 34 -1.50 -0.12 -20.79
CA ASP A 34 -1.95 -1.51 -20.97
C ASP A 34 -2.75 -1.63 -22.30
N SER A 35 -3.67 -0.70 -22.55
CA SER A 35 -4.53 -0.75 -23.75
C SER A 35 -3.76 -0.66 -25.07
N VAL A 36 -2.60 -0.01 -25.10
CA VAL A 36 -1.79 0.12 -26.32
C VAL A 36 -0.58 -0.78 -26.39
N GLY A 37 -0.56 -1.81 -25.55
CA GLY A 37 0.45 -2.85 -25.58
C GLY A 37 1.78 -2.49 -24.97
N ILE A 38 1.82 -1.48 -24.08
CA ILE A 38 3.06 -1.20 -23.36
C ILE A 38 3.29 -2.36 -22.37
N ASP A 39 4.52 -2.81 -22.28
CA ASP A 39 4.85 -4.08 -21.60
C ASP A 39 4.99 -3.94 -20.08
N SER A 40 5.53 -2.81 -19.62
CA SER A 40 5.73 -2.60 -18.21
C SER A 40 5.52 -1.14 -17.79
N MET A 41 5.18 -0.97 -16.51
CA MET A 41 5.08 0.33 -15.86
C MET A 41 5.84 0.28 -14.55
N MET A 42 6.92 1.05 -14.51
CA MET A 42 7.76 1.25 -13.34
C MET A 42 7.32 2.52 -12.61
N ILE A 43 7.20 2.44 -11.29
CA ILE A 43 6.66 3.55 -10.51
C ILE A 43 7.66 3.80 -9.38
N SER A 44 8.19 5.02 -9.28
CA SER A 44 9.27 5.29 -8.33
CA SER A 44 9.26 5.30 -8.33
C SER A 44 8.70 5.68 -6.97
N GLU A 45 9.59 5.71 -5.96
CA GLU A 45 9.24 5.90 -4.54
C GLU A 45 10.07 7.05 -3.96
N HIS A 46 9.38 8.03 -3.38
CA HIS A 46 10.00 9.25 -2.81
C HIS A 46 9.10 9.78 -1.73
N ALA A 47 9.68 10.04 -0.56
CA ALA A 47 8.96 10.61 0.59
C ALA A 47 9.23 12.11 0.76
N SER A 48 10.29 12.64 0.15
CA SER A 48 10.72 14.04 0.40
C SER A 48 10.57 14.99 -0.76
N GLN A 49 10.16 14.50 -1.94
CA GLN A 49 10.24 15.30 -3.16
C GLN A 49 8.89 15.84 -3.63
N ILE A 50 8.92 16.99 -4.30
CA ILE A 50 7.70 17.64 -4.78
C ILE A 50 7.24 17.07 -6.13
N TRP A 51 8.16 17.06 -7.11
CA TRP A 51 7.82 16.59 -8.45
C TRP A 51 7.64 15.07 -8.47
N GLU A 52 8.46 14.39 -7.69
CA GLU A 52 8.40 12.92 -7.63
C GLU A 52 7.64 12.59 -6.36
N ASN A 53 6.32 12.58 -6.45
CA ASN A 53 5.45 12.68 -5.30
C ASN A 53 4.63 11.40 -5.01
N ILE A 54 5.22 10.24 -5.24
CA ILE A 54 4.62 8.99 -4.86
C ILE A 54 5.49 8.32 -3.82
N PRO A 55 5.03 8.30 -2.56
CA PRO A 55 5.80 7.66 -1.48
C PRO A 55 5.54 6.15 -1.35
N ASN A 56 4.51 5.65 -2.03
CA ASN A 56 4.02 4.29 -1.91
C ASN A 56 3.54 3.78 -3.26
N PRO A 57 4.50 3.41 -4.12
CA PRO A 57 4.11 2.99 -5.46
C PRO A 57 3.13 1.82 -5.49
N GLU A 58 3.26 0.96 -4.50
CA GLU A 58 2.39 -0.19 -4.33
C GLU A 58 0.91 0.14 -4.25
N LEU A 59 0.56 1.31 -3.69
CA LEU A 59 -0.85 1.74 -3.66
CA LEU A 59 -0.84 1.74 -3.66
C LEU A 59 -1.37 1.92 -5.07
N LEU A 60 -0.55 2.52 -5.94
CA LEU A 60 -0.93 2.74 -7.32
CA LEU A 60 -0.94 2.74 -7.33
C LEU A 60 -0.99 1.42 -8.10
N ILE A 61 0.00 0.58 -7.88
CA ILE A 61 0.04 -0.72 -8.56
C ILE A 61 -1.23 -1.51 -8.21
N ALA A 62 -1.59 -1.50 -6.95
CA ALA A 62 -2.76 -2.22 -6.46
C ALA A 62 -4.05 -1.68 -7.04
N ALA A 63 -4.16 -0.35 -7.15
CA ALA A 63 -5.34 0.27 -7.73
C ALA A 63 -5.49 0.03 -9.22
N ALA A 64 -4.38 -0.17 -9.92
CA ALA A 64 -4.40 -0.49 -11.33
C ALA A 64 -4.50 -2.01 -11.67
N ALA A 65 -4.24 -2.88 -10.70
CA ALA A 65 -4.08 -4.32 -10.91
C ALA A 65 -5.27 -4.96 -11.62
N LEU A 66 -6.46 -4.78 -11.10
CA LEU A 66 -7.67 -5.40 -11.68
C LEU A 66 -8.29 -4.61 -12.84
N GLN A 67 -7.69 -3.47 -13.17
CA GLN A 67 -8.12 -2.61 -14.27
CA GLN A 67 -8.12 -2.62 -14.28
C GLN A 67 -7.24 -2.82 -15.51
N THR A 68 -6.27 -3.73 -15.45
CA THR A 68 -5.35 -3.98 -16.53
C THR A 68 -5.22 -5.51 -16.80
N LYS A 69 -4.83 -5.86 -18.03
CA LYS A 69 -4.81 -7.23 -18.54
CA LYS A 69 -4.81 -7.25 -18.48
C LYS A 69 -3.41 -7.83 -18.62
N ASN A 70 -2.51 -7.09 -19.27
CA ASN A 70 -1.22 -7.62 -19.64
CA ASN A 70 -1.20 -7.60 -19.69
C ASN A 70 -0.02 -6.88 -19.07
N ILE A 71 -0.17 -5.60 -18.78
CA ILE A 71 0.99 -4.83 -18.37
C ILE A 71 1.55 -5.38 -17.04
N LYS A 72 2.86 -5.35 -16.92
CA LYS A 72 3.59 -5.73 -15.72
C LYS A 72 3.97 -4.46 -14.94
N PHE A 73 3.86 -4.52 -13.62
CA PHE A 73 4.19 -3.37 -12.76
C PHE A 73 5.46 -3.63 -11.97
N ALA A 74 6.21 -2.57 -11.69
CA ALA A 74 7.32 -2.68 -10.80
C ALA A 74 7.50 -1.42 -9.99
N PRO A 75 7.65 -1.56 -8.67
CA PRO A 75 8.19 -0.43 -7.94
C PRO A 75 9.63 -0.23 -8.38
N MET A 76 10.02 1.01 -8.62
CA MET A 76 11.35 1.33 -9.16
C MET A 76 11.85 2.60 -8.47
N ALA A 77 12.21 2.49 -7.20
CA ALA A 77 12.41 1.21 -6.48
C ALA A 77 11.91 1.33 -5.07
N HIS A 78 11.52 0.21 -4.46
CA HIS A 78 11.35 0.15 -3.03
C HIS A 78 12.70 0.42 -2.37
N LEU A 79 12.71 1.36 -1.45
CA LEU A 79 13.93 1.77 -0.75
C LEU A 79 13.99 0.92 0.49
N LEU A 80 14.81 -0.13 0.39
CA LEU A 80 14.86 -1.15 1.39
C LEU A 80 15.27 -0.67 2.81
N PRO A 81 16.11 0.39 2.89
CA PRO A 81 16.44 0.91 4.25
C PRO A 81 15.29 1.56 5.01
N HIS A 82 14.17 1.86 4.32
CA HIS A 82 13.09 2.61 4.92
C HIS A 82 11.98 1.79 5.49
N GLN A 83 12.01 0.46 5.41
CA GLN A 83 10.91 -0.32 5.99
CA GLN A 83 10.89 -0.36 5.88
C GLN A 83 11.37 -1.64 6.52
N HIS A 84 10.54 -2.24 7.37
CA HIS A 84 10.86 -3.52 7.92
C HIS A 84 10.81 -4.56 6.79
N PRO A 85 11.88 -5.36 6.64
CA PRO A 85 11.91 -6.31 5.53
C PRO A 85 10.81 -7.39 5.53
N ALA A 86 10.37 -7.83 6.69
CA ALA A 86 9.23 -8.78 6.77
C ALA A 86 7.92 -8.22 6.27
N LYS A 87 7.63 -6.99 6.67
CA LYS A 87 6.44 -6.29 6.24
C LYS A 87 6.48 -6.07 4.74
N LEU A 88 7.63 -5.64 4.25
CA LEU A 88 7.82 -5.43 2.82
C LEU A 88 7.72 -6.72 2.03
N ALA A 89 8.38 -7.77 2.52
CA ALA A 89 8.36 -9.08 1.82
C ALA A 89 6.95 -9.63 1.71
N THR A 90 6.17 -9.46 2.77
CA THR A 90 4.78 -9.90 2.78
C THR A 90 3.90 -9.16 1.77
N MET A 91 4.05 -7.83 1.72
CA MET A 91 3.31 -7.00 0.77
C MET A 91 3.68 -7.29 -0.69
N ILE A 92 4.95 -7.44 -0.98
CA ILE A 92 5.43 -7.81 -2.30
C ILE A 92 4.84 -9.14 -2.75
N GLY A 93 4.90 -10.16 -1.89
CA GLY A 93 4.34 -11.46 -2.27
C GLY A 93 2.84 -11.39 -2.52
N TRP A 94 2.12 -10.68 -1.66
CA TRP A 94 0.70 -10.58 -1.80
C TRP A 94 0.33 -9.84 -3.07
N LEU A 95 1.02 -8.73 -3.34
CA LEU A 95 0.72 -7.93 -4.54
C LEU A 95 1.06 -8.71 -5.80
N SER A 96 2.18 -9.41 -5.76
CA SER A 96 2.59 -10.30 -6.84
C SER A 96 1.45 -11.30 -7.10
N GLN A 97 0.87 -11.85 -6.04
CA GLN A 97 -0.24 -12.78 -6.21
C GLN A 97 -1.48 -12.11 -6.85
N ILE A 98 -1.84 -10.91 -6.38
CA ILE A 98 -2.99 -10.17 -6.89
C ILE A 98 -2.80 -9.94 -8.40
N LEU A 99 -1.57 -9.60 -8.79
CA LEU A 99 -1.23 -9.40 -10.19
C LEU A 99 -0.99 -10.65 -11.01
N GLU A 100 -1.06 -11.82 -10.38
CA GLU A 100 -0.84 -13.09 -11.09
C GLU A 100 0.48 -13.05 -11.82
N GLY A 101 1.50 -12.53 -11.14
CA GLY A 101 2.86 -12.50 -11.66
C GLY A 101 3.23 -11.38 -12.60
N ARG A 102 2.28 -10.47 -12.92
CA ARG A 102 2.55 -9.29 -13.73
C ARG A 102 3.27 -8.22 -12.88
N TYR A 103 4.45 -8.59 -12.39
CA TYR A 103 5.10 -7.87 -11.29
C TYR A 103 6.55 -8.23 -11.31
N PHE A 104 7.40 -7.23 -11.13
CA PHE A 104 8.81 -7.40 -10.78
C PHE A 104 9.20 -6.31 -9.80
N LEU A 105 10.35 -6.47 -9.14
CA LEU A 105 10.70 -5.69 -7.94
C LEU A 105 11.98 -4.90 -8.17
N GLY A 106 11.85 -3.57 -8.22
CA GLY A 106 13.03 -2.70 -8.14
C GLY A 106 13.41 -2.48 -6.68
N ILE A 107 14.72 -2.59 -6.39
CA ILE A 107 15.25 -2.32 -5.08
C ILE A 107 16.29 -1.21 -5.17
N GLY A 108 16.36 -0.41 -4.11
CA GLY A 108 17.28 0.71 -4.02
C GLY A 108 17.60 1.13 -2.59
N ALA A 109 18.61 1.97 -2.47
CA ALA A 109 19.08 2.53 -1.20
C ALA A 109 18.44 3.88 -0.90
N GLY A 110 18.17 4.66 -1.95
CA GLY A 110 17.56 5.97 -1.81
C GLY A 110 18.62 7.04 -1.90
N ALA A 111 18.44 7.96 -2.82
CA ALA A 111 19.44 9.01 -3.16
C ALA A 111 19.13 10.40 -2.57
N TYR A 112 18.16 10.51 -1.66
CA TYR A 112 17.70 11.76 -1.10
C TYR A 112 17.95 11.73 0.41
N PRO A 113 19.02 12.38 0.88
CA PRO A 113 19.31 12.36 2.32
C PRO A 113 18.18 12.85 3.22
N GLN A 114 17.35 13.79 2.77
CA GLN A 114 16.23 14.27 3.57
CA GLN A 114 16.23 14.27 3.57
C GLN A 114 15.28 13.11 3.92
N ALA A 115 15.02 12.24 2.94
CA ALA A 115 14.17 11.11 3.16
C ALA A 115 14.90 10.05 4.03
N SER A 116 16.19 9.82 3.77
CA SER A 116 16.96 8.90 4.64
C SER A 116 16.86 9.30 6.13
N TYR A 117 16.99 10.60 6.37
CA TYR A 117 16.88 11.22 7.71
C TYR A 117 15.53 10.89 8.37
N MET A 118 14.44 11.02 7.59
CA MET A 118 13.09 10.70 8.05
CA MET A 118 13.11 10.70 8.09
C MET A 118 13.03 9.29 8.59
N HIS A 119 13.74 8.38 7.92
CA HIS A 119 13.68 6.95 8.30
C HIS A 119 14.79 6.54 9.24
N GLY A 120 15.45 7.52 9.88
CA GLY A 120 16.41 7.28 10.94
C GLY A 120 17.85 7.07 10.52
N ILE A 121 18.20 7.54 9.33
CA ILE A 121 19.51 7.34 8.75
C ILE A 121 20.13 8.71 8.55
N ARG A 122 21.00 9.11 9.49
CA ARG A 122 21.77 10.36 9.30
C ARG A 122 22.88 10.16 8.32
N ASN A 123 23.30 11.25 7.71
CA ASN A 123 24.50 11.27 6.87
C ASN A 123 24.50 10.21 5.76
N ALA A 124 23.35 10.07 5.09
CA ALA A 124 23.25 9.19 3.93
C ALA A 124 24.20 9.61 2.77
N GLY A 125 24.45 10.91 2.63
CA GLY A 125 25.41 11.45 1.64
C GLY A 125 26.90 11.14 1.83
N GLN A 126 27.30 10.85 3.08
CA GLN A 126 28.74 10.56 3.36
CA GLN A 126 28.69 10.60 3.45
C GLN A 126 29.04 9.09 3.25
N SER A 127 30.31 8.78 3.01
CA SER A 127 30.79 7.38 2.96
C SER A 127 31.10 6.91 4.36
N GLU A 134 28.19 7.63 17.76
CA GLU A 134 28.56 6.23 17.57
C GLU A 134 28.77 5.93 16.08
N GLU A 135 28.96 4.65 15.74
CA GLU A 135 29.17 4.22 14.34
C GLU A 135 27.88 4.47 13.52
N THR A 136 28.05 4.79 12.24
CA THR A 136 26.92 5.19 11.37
C THR A 136 26.26 3.99 10.64
N LYS A 137 25.23 4.29 9.84
CA LYS A 137 24.47 3.28 9.10
C LYS A 137 24.86 3.37 7.63
N ASN A 138 25.03 2.23 7.00
CA ASN A 138 25.44 2.18 5.60
C ASN A 138 24.24 1.70 4.78
N LEU A 139 23.71 2.55 3.92
CA LEU A 139 22.49 2.22 3.15
C LEU A 139 22.66 0.98 2.30
N ASN A 140 23.84 0.79 1.71
CA ASN A 140 24.07 -0.41 0.89
C ASN A 140 24.04 -1.68 1.70
N ASP A 141 24.58 -1.64 2.92
CA ASP A 141 24.56 -2.79 3.84
CA ASP A 141 24.54 -2.79 3.83
C ASP A 141 23.13 -3.08 4.28
N MET A 142 22.36 -1.99 4.45
CA MET A 142 20.93 -2.09 4.79
C MET A 142 20.13 -2.76 3.65
N VAL A 143 20.44 -2.40 2.42
CA VAL A 143 19.88 -3.08 1.24
C VAL A 143 20.19 -4.59 1.25
N ARG A 144 21.44 -4.95 1.50
CA ARG A 144 21.88 -6.33 1.48
CA ARG A 144 21.86 -6.34 1.46
C ARG A 144 21.19 -7.13 2.58
N GLU A 145 21.09 -6.57 3.78
CA GLU A 145 20.44 -7.27 4.88
C GLU A 145 18.93 -7.45 4.64
N SER A 146 18.28 -6.41 4.14
CA SER A 146 16.86 -6.54 3.79
C SER A 146 16.60 -7.66 2.79
N LEU A 147 17.37 -7.67 1.69
CA LEU A 147 17.23 -8.68 0.67
CA LEU A 147 17.28 -8.68 0.65
C LEU A 147 17.46 -10.08 1.22
N PHE A 148 18.50 -10.22 2.04
CA PHE A 148 18.76 -11.48 2.70
C PHE A 148 17.53 -11.96 3.45
N ILE A 149 16.94 -11.08 4.26
CA ILE A 149 15.74 -11.43 5.03
C ILE A 149 14.53 -11.73 4.14
N MET A 150 14.24 -10.85 3.19
CA MET A 150 13.09 -11.03 2.32
C MET A 150 13.16 -12.32 1.53
N GLU A 151 14.31 -12.66 0.99
CA GLU A 151 14.43 -13.92 0.23
C GLU A 151 14.05 -15.14 1.06
N LYS A 152 14.49 -15.14 2.32
CA LYS A 152 14.19 -16.22 3.24
C LYS A 152 12.71 -16.29 3.64
N ILE A 153 12.11 -15.14 3.86
CA ILE A 153 10.66 -15.09 4.11
CA ILE A 153 10.67 -15.07 4.13
C ILE A 153 9.88 -15.63 2.94
N TRP A 154 10.27 -15.27 1.71
CA TRP A 154 9.59 -15.78 0.50
C TRP A 154 9.67 -17.30 0.36
N LYS A 155 10.74 -17.91 0.88
CA LYS A 155 10.94 -19.38 0.87
C LYS A 155 10.09 -20.12 1.91
N ARG A 156 9.63 -19.38 2.91
CA ARG A 156 8.74 -19.91 3.91
C ARG A 156 9.39 -21.07 4.67
N GLU A 157 10.69 -20.96 4.87
CA GLU A 157 11.44 -21.91 5.66
CA GLU A 157 11.44 -21.92 5.66
C GLU A 157 11.75 -21.22 6.98
N PRO A 158 11.53 -21.91 8.11
CA PRO A 158 11.66 -21.11 9.32
C PRO A 158 13.09 -20.73 9.67
N PHE A 159 13.19 -19.56 10.29
CA PHE A 159 14.42 -18.96 10.72
C PHE A 159 14.09 -17.79 11.62
N PHE A 160 15.09 -17.34 12.35
CA PHE A 160 15.05 -16.06 12.99
C PHE A 160 16.40 -15.41 12.80
N HIS A 161 16.38 -14.11 12.50
CA HIS A 161 17.59 -13.40 12.21
C HIS A 161 17.66 -12.15 13.06
N GLU A 162 18.74 -12.02 13.82
CA GLU A 162 19.03 -10.81 14.58
C GLU A 162 20.10 -10.05 13.86
N GLY A 163 19.67 -9.05 13.08
CA GLY A 163 20.59 -8.39 12.19
C GLY A 163 21.15 -7.13 12.79
N LYS A 164 22.03 -6.49 12.02
CA LYS A 164 22.54 -5.19 12.38
CA LYS A 164 22.55 -5.18 12.37
C LYS A 164 21.43 -4.14 12.33
N TYR A 165 20.51 -4.29 11.38
CA TYR A 165 19.48 -3.29 11.15
C TYR A 165 18.08 -3.73 11.56
N TRP A 166 17.77 -5.03 11.46
CA TRP A 166 16.44 -5.53 11.81
C TRP A 166 16.52 -6.91 12.39
N ASP A 167 15.46 -7.25 13.15
CA ASP A 167 15.18 -8.60 13.57
C ASP A 167 13.97 -9.04 12.78
N ALA A 168 13.99 -10.28 12.32
CA ALA A 168 12.92 -10.78 11.47
C ALA A 168 13.00 -12.29 11.43
N GLY A 169 11.94 -12.92 11.00
CA GLY A 169 11.94 -14.40 10.95
C GLY A 169 10.77 -14.97 10.19
N TYR A 170 10.70 -16.29 10.20
CA TYR A 170 9.55 -16.99 9.67
C TYR A 170 9.29 -18.12 10.65
N PRO A 171 8.06 -18.20 11.20
CA PRO A 171 7.83 -19.12 12.28
C PRO A 171 7.60 -20.55 11.83
N GLU A 172 7.82 -21.49 12.75
CA GLU A 172 7.39 -22.87 12.57
CA GLU A 172 7.39 -22.87 12.57
C GLU A 172 5.88 -22.89 12.75
N GLU A 173 5.21 -23.85 12.14
CA GLU A 173 3.79 -24.06 12.34
C GLU A 173 3.49 -24.29 13.85
N LEU A 174 2.36 -23.82 14.35
CA LEU A 174 1.94 -24.13 15.73
C LEU A 174 1.64 -25.62 15.90
N GLU A 175 1.79 -26.12 17.13
CA GLU A 175 1.89 -27.58 17.43
C GLU A 175 0.71 -28.38 16.89
N GLU A 181 -6.48 -27.42 7.21
CA GLU A 181 -5.59 -26.54 6.48
CA GLU A 181 -5.63 -26.51 6.44
C GLU A 181 -5.72 -25.11 7.02
N GLN A 182 -6.90 -24.76 7.51
CA GLN A 182 -7.24 -23.42 8.05
C GLN A 182 -6.40 -22.87 9.21
N HIS A 183 -5.65 -23.72 9.90
CA HIS A 183 -4.77 -23.31 11.02
C HIS A 183 -3.27 -23.27 10.67
N LYS A 184 -2.91 -23.68 9.46
CA LYS A 184 -1.55 -23.51 8.95
C LYS A 184 -1.25 -22.02 8.77
N LEU A 185 0.00 -21.71 8.46
CA LEU A 185 0.36 -20.33 8.16
C LEU A 185 -0.19 -19.88 6.79
N ALA A 186 -0.57 -18.60 6.68
CA ALA A 186 -0.90 -17.96 5.40
C ALA A 186 0.29 -18.09 4.46
N ASP A 187 0.00 -18.12 3.17
CA ASP A 187 1.04 -18.16 2.16
C ASP A 187 1.01 -16.85 1.38
N PHE A 188 1.90 -15.92 1.79
CA PHE A 188 2.12 -14.69 1.08
C PHE A 188 3.47 -14.71 0.34
N SER A 189 3.93 -15.89 -0.10
CA SER A 189 5.04 -15.98 -1.04
C SER A 189 4.60 -15.39 -2.38
N PRO A 190 5.55 -14.87 -3.19
CA PRO A 190 5.12 -14.30 -4.47
C PRO A 190 4.61 -15.37 -5.41
N TRP A 191 4.06 -14.91 -6.52
CA TRP A 191 3.38 -15.76 -7.49
C TRP A 191 4.28 -16.88 -7.97
N GLY A 192 3.78 -18.12 -7.92
CA GLY A 192 4.57 -19.29 -8.21
C GLY A 192 5.48 -19.74 -7.07
N GLY A 193 5.39 -19.07 -5.92
CA GLY A 193 6.18 -19.42 -4.74
C GLY A 193 7.68 -19.10 -4.77
N LYS A 194 8.11 -18.33 -5.78
CA LYS A 194 9.50 -17.96 -5.96
CA LYS A 194 9.49 -17.97 -5.98
C LYS A 194 9.66 -16.44 -5.87
N ALA A 195 10.88 -15.99 -5.56
CA ALA A 195 11.19 -14.56 -5.49
C ALA A 195 10.76 -13.90 -6.80
N PRO A 196 10.31 -12.65 -6.76
CA PRO A 196 10.10 -11.96 -8.05
C PRO A 196 11.43 -11.66 -8.72
N GLU A 197 11.42 -11.41 -10.02
CA GLU A 197 12.58 -10.86 -10.68
C GLU A 197 12.93 -9.52 -10.01
N ILE A 198 14.20 -9.29 -9.79
CA ILE A 198 14.66 -8.13 -9.08
C ILE A 198 15.40 -7.27 -10.06
N ALA A 199 15.18 -5.96 -9.93
CA ALA A 199 15.79 -4.97 -10.78
C ALA A 199 16.49 -3.92 -9.95
N VAL A 200 17.51 -3.29 -10.55
CA VAL A 200 18.14 -2.10 -9.96
C VAL A 200 18.43 -1.09 -11.08
N THR A 201 18.36 0.20 -10.76
CA THR A 201 18.73 1.24 -11.74
C THR A 201 20.18 1.65 -11.60
N GLY A 202 20.73 2.20 -12.67
CA GLY A 202 22.07 2.75 -12.69
C GLY A 202 22.10 4.02 -13.54
N PHE A 203 22.94 4.97 -13.15
CA PHE A 203 23.14 6.22 -13.90
C PHE A 203 24.61 6.51 -14.23
N SER A 204 25.43 6.64 -13.21
CA SER A 204 26.86 6.98 -13.39
C SER A 204 27.59 6.04 -14.35
N TYR A 205 28.72 6.50 -14.88
CA TYR A 205 29.45 5.77 -15.92
C TYR A 205 29.88 4.39 -15.43
N ASN A 206 30.59 4.35 -14.32
CA ASN A 206 30.97 3.09 -13.69
C ASN A 206 30.00 2.89 -12.57
N SER A 207 28.83 2.35 -12.92
CA SER A 207 27.74 2.18 -11.96
C SER A 207 27.94 0.94 -11.10
N PRO A 208 28.05 1.11 -9.77
CA PRO A 208 28.17 -0.07 -8.90
C PRO A 208 26.91 -0.93 -8.95
N SER A 209 25.77 -0.29 -9.20
CA SER A 209 24.50 -1.01 -9.35
C SER A 209 24.55 -2.00 -10.48
N MET A 210 25.14 -1.60 -11.60
CA MET A 210 25.28 -2.50 -12.76
C MET A 210 26.12 -3.73 -12.46
N ARG A 211 27.16 -3.56 -11.64
CA ARG A 211 28.00 -4.68 -11.21
CA ARG A 211 28.00 -4.68 -11.21
C ARG A 211 27.21 -5.62 -10.32
N LEU A 212 26.55 -5.05 -9.30
CA LEU A 212 25.67 -5.82 -8.42
C LEU A 212 24.65 -6.61 -9.23
N ALA A 213 24.04 -5.93 -10.18
CA ALA A 213 23.03 -6.53 -11.01
C ALA A 213 23.57 -7.71 -11.77
N GLY A 214 24.72 -7.54 -12.38
CA GLY A 214 25.39 -8.63 -13.09
C GLY A 214 25.70 -9.81 -12.17
N GLU A 215 26.34 -9.52 -11.03
CA GLU A 215 26.69 -10.54 -10.02
C GLU A 215 25.50 -11.39 -9.60
N ARG A 216 24.33 -10.75 -9.43
CA ARG A 216 23.15 -11.43 -8.90
CA ARG A 216 23.15 -11.41 -8.90
C ARG A 216 22.08 -11.73 -9.94
N ASN A 217 22.39 -11.47 -11.21
CA ASN A 217 21.46 -11.77 -12.30
C ASN A 217 20.15 -10.97 -12.21
N PHE A 218 20.25 -9.76 -11.65
CA PHE A 218 19.13 -8.84 -11.61
C PHE A 218 18.94 -8.21 -12.98
N LYS A 219 17.77 -7.60 -13.15
CA LYS A 219 17.48 -6.83 -14.37
C LYS A 219 18.12 -5.45 -14.28
N PRO A 220 18.97 -5.08 -15.26
CA PRO A 220 19.54 -3.77 -15.23
C PRO A 220 18.61 -2.74 -15.91
N VAL A 221 18.46 -1.57 -15.27
CA VAL A 221 17.66 -0.48 -15.80
C VAL A 221 18.60 0.70 -15.85
N SER A 222 18.98 1.11 -17.06
CA SER A 222 19.91 2.22 -17.24
C SER A 222 19.13 3.48 -17.54
N ILE A 223 19.54 4.58 -16.92
CA ILE A 223 19.00 5.91 -17.22
CA ILE A 223 19.00 5.90 -17.20
C ILE A 223 19.91 6.54 -18.27
N PHE A 224 19.37 6.81 -19.46
CA PHE A 224 20.23 7.21 -20.57
C PHE A 224 20.97 8.52 -20.28
N SER A 225 22.30 8.44 -20.26
CA SER A 225 23.16 9.59 -20.03
C SER A 225 24.20 9.81 -21.13
N GLY A 226 24.11 9.05 -22.22
CA GLY A 226 25.08 9.12 -23.31
C GLY A 226 25.56 7.75 -23.77
N LEU A 227 26.19 7.77 -24.94
CA LEU A 227 26.63 6.54 -25.60
C LEU A 227 27.64 5.78 -24.78
N ASP A 228 28.58 6.50 -24.17
CA ASP A 228 29.69 5.85 -23.47
C ASP A 228 29.20 5.11 -22.22
N ALA A 229 28.35 5.78 -21.45
CA ALA A 229 27.75 5.18 -20.25
C ALA A 229 26.85 3.99 -20.58
N LEU A 230 26.07 4.11 -21.65
CA LEU A 230 25.20 3.00 -22.04
C LEU A 230 26.03 1.76 -22.37
N LYS A 231 27.09 1.95 -23.16
CA LYS A 231 28.01 0.85 -23.47
C LYS A 231 28.74 0.34 -22.19
N ARG A 232 29.17 1.25 -21.32
CA ARG A 232 29.89 0.87 -20.10
C ARG A 232 29.01 0.09 -19.13
N HIS A 233 27.74 0.52 -19.01
CA HIS A 233 26.77 -0.22 -18.20
C HIS A 233 26.69 -1.67 -18.62
N TRP A 234 26.51 -1.91 -19.92
CA TRP A 234 26.39 -3.27 -20.41
C TRP A 234 27.69 -4.04 -20.25
N GLU A 235 28.80 -3.38 -20.43
CA GLU A 235 30.12 -3.99 -20.25
C GLU A 235 30.28 -4.44 -18.79
N VAL A 236 30.07 -3.53 -17.87
CA VAL A 236 30.17 -3.87 -16.46
C VAL A 236 29.18 -4.99 -16.10
N TYR A 237 27.94 -4.86 -16.53
CA TYR A 237 26.90 -5.83 -16.21
C TYR A 237 27.28 -7.23 -16.71
N SER A 238 27.54 -7.36 -18.02
CA SER A 238 27.81 -8.68 -18.63
C SER A 238 29.09 -9.33 -18.07
N GLU A 239 30.12 -8.53 -17.81
CA GLU A 239 31.38 -9.05 -17.23
CA GLU A 239 31.36 -9.06 -17.24
C GLU A 239 31.11 -9.64 -15.85
N ALA A 240 30.35 -8.92 -15.04
CA ALA A 240 29.93 -9.41 -13.74
C ALA A 240 29.04 -10.66 -13.86
N ALA A 241 28.09 -10.63 -14.78
CA ALA A 241 27.24 -11.80 -15.01
C ALA A 241 28.02 -13.06 -15.38
N ILE A 242 28.90 -12.92 -16.37
CA ILE A 242 29.72 -14.04 -16.87
CA ILE A 242 29.72 -14.04 -16.87
C ILE A 242 30.58 -14.60 -15.73
N GLU A 243 31.24 -13.73 -14.99
CA GLU A 243 32.09 -14.16 -13.86
CA GLU A 243 32.08 -14.17 -13.88
C GLU A 243 31.27 -14.90 -12.81
N ALA A 244 30.05 -14.43 -12.55
CA ALA A 244 29.14 -15.10 -11.61
C ALA A 244 28.47 -16.35 -12.19
N GLY A 245 28.70 -16.64 -13.46
CA GLY A 245 28.18 -17.87 -14.07
C GLY A 245 26.84 -17.71 -14.74
N HIS A 246 26.40 -16.47 -14.93
CA HIS A 246 25.11 -16.19 -15.58
C HIS A 246 25.36 -15.86 -17.05
N THR A 247 24.34 -16.07 -17.88
CA THR A 247 24.40 -15.71 -19.30
C THR A 247 23.72 -14.34 -19.53
N PRO A 248 24.51 -13.27 -19.78
CA PRO A 248 23.91 -11.93 -19.94
C PRO A 248 22.94 -11.89 -21.10
N ASP A 249 21.73 -11.34 -20.88
CA ASP A 249 20.67 -11.31 -21.88
C ASP A 249 20.27 -9.85 -22.14
N ARG A 250 20.67 -9.29 -23.28
CA ARG A 250 20.39 -7.88 -23.58
C ARG A 250 18.91 -7.51 -23.62
N SER A 251 18.05 -8.49 -23.88
CA SER A 251 16.63 -8.26 -23.93
C SER A 251 16.06 -7.92 -22.54
N ARG A 252 16.83 -8.19 -21.48
CA ARG A 252 16.46 -7.81 -20.11
C ARG A 252 16.74 -6.35 -19.82
N HIS A 253 17.67 -5.76 -20.55
CA HIS A 253 18.14 -4.40 -20.27
C HIS A 253 17.05 -3.41 -20.59
N ALA A 254 16.65 -2.61 -19.60
CA ALA A 254 15.70 -1.52 -19.83
C ALA A 254 16.50 -0.23 -19.83
N VAL A 255 16.20 0.66 -20.78
CA VAL A 255 16.85 1.96 -20.83
C VAL A 255 15.81 3.09 -20.80
N SER A 256 15.99 4.00 -19.85
CA SER A 256 15.04 5.08 -19.62
C SER A 256 15.38 6.29 -20.50
N HIS A 257 14.41 6.80 -21.26
CA HIS A 257 14.60 7.93 -22.19
C HIS A 257 13.43 8.86 -22.12
N THR A 258 13.67 10.14 -22.42
CA THR A 258 12.61 11.04 -22.82
C THR A 258 12.23 10.73 -24.26
N VAL A 259 10.96 10.47 -24.51
CA VAL A 259 10.47 10.03 -25.82
C VAL A 259 9.14 10.71 -26.11
N PHE A 260 9.03 11.30 -27.29
CA PHE A 260 7.78 11.90 -27.70
C PHE A 260 7.58 11.86 -29.19
N CYS A 261 6.45 11.27 -29.60
CA CYS A 261 6.13 11.09 -30.99
CA CYS A 261 6.13 11.05 -31.00
C CYS A 261 4.87 11.83 -31.41
N ALA A 262 4.93 12.46 -32.58
CA ALA A 262 3.76 13.10 -33.22
C ALA A 262 3.83 12.89 -34.73
N ASP A 263 2.80 13.30 -35.47
CA ASP A 263 2.71 13.06 -36.93
C ASP A 263 3.91 13.58 -37.71
N THR A 264 4.38 14.78 -37.40
CA THR A 264 5.58 15.34 -38.00
C THR A 264 6.68 15.63 -36.98
N ASP A 265 7.90 15.80 -37.47
CA ASP A 265 9.01 16.27 -36.66
C ASP A 265 8.73 17.63 -36.03
N LYS A 266 8.13 18.52 -36.82
CA LYS A 266 7.83 19.89 -36.38
CA LYS A 266 7.87 19.88 -36.37
C LYS A 266 6.83 19.91 -35.22
N GLU A 267 5.76 19.13 -35.37
CA GLU A 267 4.71 19.05 -34.34
CA GLU A 267 4.72 19.06 -34.35
C GLU A 267 5.29 18.45 -33.06
N ALA A 268 6.01 17.33 -33.20
CA ALA A 268 6.65 16.64 -32.09
C ALA A 268 7.50 17.60 -31.27
N LYS A 269 8.39 18.30 -31.97
CA LYS A 269 9.30 19.25 -31.32
C LYS A 269 8.56 20.39 -30.65
N ARG A 270 7.57 20.96 -31.33
CA ARG A 270 6.81 22.10 -30.75
CA ARG A 270 6.82 22.10 -30.75
C ARG A 270 6.12 21.64 -29.46
N LEU A 271 5.45 20.49 -29.52
CA LEU A 271 4.72 19.92 -28.38
C LEU A 271 5.63 19.67 -27.16
N VAL A 272 6.86 19.22 -27.42
CA VAL A 272 7.87 19.04 -26.36
C VAL A 272 8.32 20.42 -25.86
N MET A 273 8.71 21.30 -26.78
CA MET A 273 9.26 22.61 -26.37
C MET A 273 8.25 23.42 -25.56
N GLU A 274 7.01 23.45 -26.01
CA GLU A 274 6.00 24.34 -25.41
C GLU A 274 5.14 23.70 -24.34
N GLY A 275 5.27 22.38 -24.17
CA GLY A 275 4.33 21.64 -23.32
C GLY A 275 4.94 21.19 -22.01
N PRO A 276 4.25 20.27 -21.31
CA PRO A 276 4.69 19.68 -20.05
C PRO A 276 6.17 19.24 -19.96
N ILE A 277 6.68 18.61 -21.00
CA ILE A 277 8.07 18.10 -20.99
C ILE A 277 9.05 19.27 -20.91
N GLY A 278 8.91 20.21 -21.82
CA GLY A 278 9.76 21.37 -21.81
C GLY A 278 9.67 22.14 -20.53
N TYR A 279 8.47 22.28 -20.03
CA TYR A 279 8.24 22.96 -18.77
C TYR A 279 9.00 22.32 -17.60
N CYS A 280 8.87 21.00 -17.46
CA CYS A 280 9.59 20.26 -16.41
C CYS A 280 11.12 20.39 -16.53
N PHE A 281 11.60 20.27 -17.75
CA PHE A 281 13.04 20.42 -18.01
C PHE A 281 13.56 21.84 -17.69
N GLU A 282 12.87 22.87 -18.13
CA GLU A 282 13.34 24.23 -17.88
C GLU A 282 13.23 24.61 -16.41
N ARG A 283 12.10 24.30 -15.80
CA ARG A 283 11.89 24.70 -14.44
C ARG A 283 12.66 23.85 -13.41
N TYR A 284 12.83 22.56 -13.67
CA TYR A 284 13.29 21.61 -12.66
C TYR A 284 14.52 20.79 -13.07
N LEU A 285 14.42 20.02 -14.15
CA LEU A 285 15.46 19.05 -14.48
C LEU A 285 16.78 19.65 -15.00
N ILE A 286 16.72 20.58 -15.95
CA ILE A 286 17.96 21.15 -16.52
C ILE A 286 18.88 21.73 -15.42
N PRO A 287 18.34 22.58 -14.53
CA PRO A 287 19.18 23.08 -13.42
C PRO A 287 19.84 22.02 -12.55
N ILE A 288 19.09 20.98 -12.18
CA ILE A 288 19.63 19.83 -11.43
CA ILE A 288 19.65 19.83 -11.43
C ILE A 288 20.73 19.16 -12.26
N TRP A 289 20.41 18.83 -13.50
CA TRP A 289 21.37 18.17 -14.38
C TRP A 289 22.66 18.99 -14.55
N ARG A 290 22.49 20.30 -14.70
CA ARG A 290 23.64 21.23 -14.76
CA ARG A 290 23.63 21.25 -14.76
C ARG A 290 24.47 21.17 -13.48
N ARG A 291 23.83 21.35 -12.32
CA ARG A 291 24.50 21.33 -11.00
CA ARG A 291 24.50 21.34 -11.02
C ARG A 291 25.29 20.05 -10.77
N PHE A 292 24.72 18.92 -11.16
CA PHE A 292 25.36 17.63 -10.90
C PHE A 292 26.17 17.04 -12.06
N GLY A 293 26.36 17.81 -13.14
CA GLY A 293 27.14 17.36 -14.29
C GLY A 293 26.54 16.19 -15.07
N MET A 294 25.21 16.09 -15.05
CA MET A 294 24.50 14.97 -15.69
C MET A 294 24.34 15.14 -17.21
N MET A 295 24.78 16.28 -17.76
CA MET A 295 24.76 16.49 -19.22
C MET A 295 26.13 16.35 -19.90
N ASP A 296 27.15 15.93 -19.16
CA ASP A 296 28.52 15.78 -19.71
C ASP A 296 28.63 14.70 -20.77
N GLY A 297 27.90 13.60 -20.59
CA GLY A 297 27.80 12.56 -21.59
C GLY A 297 27.17 13.04 -22.87
N TYR A 298 26.06 13.78 -22.76
CA TYR A 298 25.37 14.31 -23.96
C TYR A 298 26.26 15.34 -24.67
N ALA A 299 26.88 16.22 -23.88
CA ALA A 299 27.81 17.22 -24.37
C ALA A 299 28.93 16.59 -25.20
N LYS A 300 29.58 15.59 -24.61
CA LYS A 300 30.64 14.83 -25.27
C LYS A 300 30.19 14.21 -26.56
N ASP A 301 29.02 13.58 -26.55
CA ASP A 301 28.49 12.93 -27.74
C ASP A 301 28.24 13.93 -28.88
N ALA A 302 27.74 15.13 -28.55
CA ALA A 302 27.38 16.12 -29.56
C ALA A 302 28.52 17.11 -29.84
N GLY A 303 29.56 17.09 -29.02
CA GLY A 303 30.67 18.02 -29.16
C GLY A 303 30.29 19.44 -28.81
N ILE A 304 29.74 19.64 -27.62
CA ILE A 304 29.48 20.98 -27.09
C ILE A 304 30.00 21.09 -25.67
N ASP A 305 29.96 22.31 -25.14
CA ASP A 305 30.26 22.58 -23.74
C ASP A 305 28.96 22.38 -22.95
N PRO A 306 29.01 21.60 -21.85
CA PRO A 306 27.84 21.44 -20.97
C PRO A 306 27.11 22.74 -20.62
N VAL A 307 27.85 23.86 -20.48
CA VAL A 307 27.22 25.16 -20.20
C VAL A 307 26.15 25.54 -21.23
N ASP A 308 26.32 25.10 -22.48
CA ASP A 308 25.39 25.41 -23.58
C ASP A 308 24.31 24.35 -23.86
N ALA A 309 24.25 23.31 -23.03
CA ALA A 309 23.15 22.33 -23.08
C ALA A 309 21.88 22.92 -22.46
N ASP A 310 21.02 23.43 -23.33
CA ASP A 310 19.73 23.98 -22.97
C ASP A 310 18.61 23.06 -23.49
N LEU A 311 17.35 23.47 -23.33
CA LEU A 311 16.21 22.64 -23.73
C LEU A 311 16.28 22.21 -25.19
N GLU A 312 16.48 23.16 -26.09
CA GLU A 312 16.42 22.83 -27.53
C GLU A 312 17.57 21.92 -27.96
N PHE A 313 18.73 22.09 -27.33
CA PHE A 313 19.84 21.17 -27.52
C PHE A 313 19.44 19.73 -27.15
N LEU A 314 18.79 19.56 -26.00
CA LEU A 314 18.32 18.21 -25.58
C LEU A 314 17.28 17.66 -26.53
N VAL A 315 16.36 18.51 -26.99
CA VAL A 315 15.31 18.10 -27.92
C VAL A 315 15.90 17.66 -29.27
N ASP A 316 16.87 18.40 -29.79
CA ASP A 316 17.49 18.09 -31.10
C ASP A 316 18.51 16.96 -31.08
N ASN A 317 19.17 16.75 -29.94
CA ASN A 317 20.29 15.80 -29.84
C ASN A 317 20.15 14.59 -28.90
N VAL A 318 19.27 14.65 -27.90
CA VAL A 318 19.25 13.64 -26.82
C VAL A 318 17.91 12.91 -26.77
N PHE A 319 16.83 13.68 -26.60
CA PHE A 319 15.48 13.14 -26.52
C PHE A 319 15.10 12.42 -27.81
N LEU A 320 14.37 11.31 -27.70
CA LEU A 320 13.90 10.57 -28.84
C LEU A 320 12.58 11.19 -29.26
N VAL A 321 12.68 12.27 -30.04
CA VAL A 321 11.56 13.10 -30.39
C VAL A 321 11.43 13.23 -31.91
N GLY A 322 10.21 13.13 -32.43
CA GLY A 322 9.96 13.30 -33.86
C GLY A 322 8.80 12.48 -34.34
N SER A 323 8.68 12.37 -35.66
CA SER A 323 7.74 11.43 -36.27
C SER A 323 8.10 9.98 -35.89
N PRO A 324 7.16 9.05 -36.11
CA PRO A 324 7.48 7.64 -35.93
C PRO A 324 8.73 7.18 -36.70
N ASP A 325 8.86 7.62 -37.96
CA ASP A 325 10.06 7.28 -38.76
C ASP A 325 11.33 7.88 -38.14
N THR A 326 11.28 9.15 -37.77
CA THR A 326 12.42 9.81 -37.13
C THR A 326 12.83 9.16 -35.81
N VAL A 327 11.86 8.82 -34.97
CA VAL A 327 12.18 8.21 -33.68
C VAL A 327 12.73 6.80 -33.91
N THR A 328 12.10 6.07 -34.83
CA THR A 328 12.61 4.75 -35.27
C THR A 328 14.08 4.81 -35.70
N GLU A 329 14.43 5.86 -36.45
CA GLU A 329 15.80 6.07 -36.95
C GLU A 329 16.77 6.36 -35.80
N LYS A 330 16.36 7.26 -34.92
CA LYS A 330 17.16 7.60 -33.74
C LYS A 330 17.43 6.40 -32.86
N ILE A 331 16.39 5.57 -32.64
CA ILE A 331 16.58 4.35 -31.85
C ILE A 331 17.51 3.40 -32.58
N ASN A 332 17.23 3.13 -33.84
CA ASN A 332 18.09 2.23 -34.61
C ASN A 332 19.54 2.68 -34.62
N ALA A 333 19.75 4.00 -34.72
CA ALA A 333 21.10 4.56 -34.63
C ALA A 333 21.76 4.26 -33.26
N LEU A 334 21.02 4.41 -32.16
CA LEU A 334 21.53 4.04 -30.82
C LEU A 334 21.84 2.54 -30.69
N PHE A 335 20.99 1.71 -31.29
CA PHE A 335 21.24 0.26 -31.34
C PHE A 335 22.56 -0.11 -32.04
N GLU A 336 22.86 0.58 -33.14
CA GLU A 336 24.11 0.34 -33.85
CA GLU A 336 24.11 0.35 -33.87
C GLU A 336 25.30 0.84 -33.04
N ALA A 337 25.12 1.97 -32.35
CA ALA A 337 26.21 2.53 -31.57
C ALA A 337 26.52 1.73 -30.30
N THR A 338 25.49 1.22 -29.64
CA THR A 338 25.67 0.70 -28.27
C THR A 338 25.38 -0.77 -28.13
N GLY A 339 24.73 -1.36 -29.13
CA GLY A 339 24.25 -2.73 -29.05
C GLY A 339 22.75 -2.87 -28.79
N GLY A 340 22.16 -1.84 -28.18
CA GLY A 340 20.71 -1.80 -27.97
C GLY A 340 20.25 -2.25 -26.59
N TRP A 341 19.00 -2.67 -26.54
CA TRP A 341 18.31 -2.96 -25.27
C TRP A 341 16.99 -3.66 -25.55
N GLY A 342 16.42 -4.20 -24.49
CA GLY A 342 15.15 -4.96 -24.53
C GLY A 342 13.88 -4.11 -24.37
N THR A 343 13.92 -3.10 -23.52
CA THR A 343 12.77 -2.25 -23.32
C THR A 343 13.16 -0.78 -23.35
N LEU A 344 12.42 -0.01 -24.14
CA LEU A 344 12.51 1.47 -24.17
C LEU A 344 11.59 2.00 -23.08
N GLN A 345 12.15 2.46 -21.97
CA GLN A 345 11.35 2.87 -20.80
C GLN A 345 11.08 4.37 -20.93
N VAL A 346 9.87 4.74 -21.33
CA VAL A 346 9.51 6.13 -21.62
C VAL A 346 9.25 6.85 -20.29
N GLU A 347 9.95 7.95 -20.06
CA GLU A 347 9.75 8.79 -18.89
C GLU A 347 8.43 9.57 -19.03
N ALA A 348 7.53 9.33 -18.08
CA ALA A 348 6.22 9.97 -18.08
C ALA A 348 6.31 11.40 -17.63
N HIS A 349 5.49 12.24 -18.24
CA HIS A 349 5.36 13.63 -17.79
C HIS A 349 3.90 13.98 -17.53
N ASP A 350 3.71 15.15 -16.91
CA ASP A 350 2.41 15.56 -16.42
C ASP A 350 1.55 16.09 -17.55
N TYR A 351 0.84 15.18 -18.18
CA TYR A 351 -0.14 15.52 -19.21
C TYR A 351 -1.56 15.29 -18.69
N TYR A 352 -1.74 15.32 -17.38
CA TYR A 352 -3.05 15.10 -16.77
C TYR A 352 -4.10 16.05 -17.24
N ASP A 353 -3.71 17.30 -17.54
CA ASP A 353 -4.62 18.32 -18.02
C ASP A 353 -4.78 18.29 -19.55
N ASP A 354 -4.04 17.44 -20.27
CA ASP A 354 -4.07 17.43 -21.72
C ASP A 354 -3.63 16.08 -22.25
N PRO A 355 -4.38 15.02 -21.97
CA PRO A 355 -3.82 13.71 -22.25
C PRO A 355 -3.72 13.32 -23.70
N ALA A 356 -4.59 13.88 -24.55
CA ALA A 356 -4.70 13.43 -25.94
C ALA A 356 -3.38 13.38 -26.69
N PRO A 357 -2.62 14.50 -26.75
CA PRO A 357 -1.33 14.38 -27.48
C PRO A 357 -0.32 13.37 -26.87
N TRP A 358 -0.36 13.19 -25.56
CA TRP A 358 0.59 12.29 -24.86
C TRP A 358 0.18 10.83 -25.07
N PHE A 359 -1.11 10.52 -24.90
CA PHE A 359 -1.57 9.16 -25.17
C PHE A 359 -1.37 8.81 -26.65
N GLN A 360 -1.53 9.78 -27.54
CA GLN A 360 -1.28 9.58 -28.97
C GLN A 360 0.17 9.24 -29.20
N SER A 361 1.07 9.96 -28.53
CA SER A 361 2.51 9.69 -28.61
C SER A 361 2.85 8.26 -28.17
N LEU A 362 2.33 7.84 -27.01
CA LEU A 362 2.60 6.47 -26.46
C LEU A 362 2.09 5.38 -27.36
N GLU A 363 0.90 5.58 -27.91
CA GLU A 363 0.33 4.67 -28.92
C GLU A 363 1.21 4.56 -30.18
N LEU A 364 1.68 5.69 -30.71
CA LEU A 364 2.65 5.70 -31.79
C LEU A 364 3.95 4.97 -31.46
N ILE A 365 4.52 5.24 -30.29
CA ILE A 365 5.76 4.61 -29.89
C ILE A 365 5.55 3.11 -29.80
N SER A 366 4.49 2.71 -29.13
CA SER A 366 4.25 1.32 -28.86
C SER A 366 3.85 0.48 -30.09
N LYS A 367 3.01 1.05 -30.97
CA LYS A 367 2.47 0.33 -32.13
CA LYS A 367 2.47 0.34 -32.13
C LYS A 367 3.28 0.54 -33.42
N GLU A 368 3.80 1.75 -33.64
CA GLU A 368 4.48 2.09 -34.91
CA GLU A 368 4.48 2.07 -34.91
C GLU A 368 6.00 2.08 -34.84
N VAL A 369 6.59 2.41 -33.68
CA VAL A 369 8.06 2.55 -33.58
C VAL A 369 8.72 1.27 -33.12
N ALA A 370 8.31 0.80 -31.95
CA ALA A 370 8.96 -0.32 -31.27
C ALA A 370 9.04 -1.62 -32.08
N PRO A 371 7.94 -1.99 -32.76
CA PRO A 371 8.05 -3.19 -33.60
C PRO A 371 9.06 -3.15 -34.75
N LYS A 372 9.49 -1.96 -35.16
CA LYS A 372 10.45 -1.80 -36.27
CA LYS A 372 10.45 -1.80 -36.27
C LYS A 372 11.90 -1.71 -35.81
N ILE A 373 12.18 -1.86 -34.52
CA ILE A 373 13.57 -1.72 -34.03
C ILE A 373 14.37 -3.03 -34.20
N LEU A 374 15.60 -2.90 -34.71
CA LEU A 374 16.48 -4.07 -34.96
C LEU A 374 16.84 -4.84 -33.65
N LEU A 375 17.25 -6.10 -33.81
CA LEU A 375 17.60 -6.97 -32.67
C LEU A 375 18.82 -6.47 -31.91
N PRO A 376 18.83 -6.62 -30.56
CA PRO A 376 19.97 -6.13 -29.77
C PRO A 376 21.18 -7.05 -29.89
N ALA B 2 -29.71 8.36 13.11
CA ALA B 2 -28.63 8.68 14.07
C ALA B 2 -27.55 7.61 13.95
N MET B 3 -27.88 6.36 14.25
CA MET B 3 -26.92 5.25 14.20
C MET B 3 -26.50 5.02 12.77
N GLU B 4 -25.19 4.97 12.54
CA GLU B 4 -24.64 4.62 11.21
C GLU B 4 -24.44 3.11 11.08
N THR B 5 -24.37 2.67 9.83
CA THR B 5 -24.05 1.29 9.48
C THR B 5 -22.61 1.28 8.96
N GLY B 6 -21.83 0.30 9.39
CA GLY B 6 -20.48 0.09 8.92
C GLY B 6 -20.24 -1.37 8.50
N LEU B 7 -19.16 -1.57 7.74
CA LEU B 7 -18.70 -2.88 7.37
CA LEU B 7 -18.66 -2.89 7.33
C LEU B 7 -17.32 -3.13 8.01
N ILE B 8 -17.10 -4.32 8.54
CA ILE B 8 -15.76 -4.72 8.96
C ILE B 8 -15.40 -5.96 8.18
N PHE B 9 -14.30 -5.85 7.44
CA PHE B 9 -13.88 -6.77 6.39
C PHE B 9 -12.59 -7.42 6.86
N HIS B 10 -12.72 -8.60 7.47
CA HIS B 10 -11.56 -9.37 7.93
C HIS B 10 -10.70 -10.13 6.90
N PRO B 11 -11.23 -10.82 5.88
CA PRO B 11 -12.63 -10.90 5.49
C PRO B 11 -13.41 -12.17 5.70
N TYR B 12 -12.82 -13.13 6.40
CA TYR B 12 -13.32 -14.48 6.42
C TYR B 12 -13.55 -15.10 5.03
N MET B 13 -12.50 -15.07 4.21
CA MET B 13 -12.51 -15.74 2.92
C MET B 13 -12.29 -17.22 3.13
N ARG B 14 -13.04 -18.01 2.39
CA ARG B 14 -12.91 -19.46 2.51
C ARG B 14 -11.49 -19.87 2.09
N PRO B 15 -10.85 -20.76 2.86
CA PRO B 15 -9.53 -21.25 2.48
C PRO B 15 -9.54 -21.74 1.04
N GLY B 16 -8.57 -21.31 0.25
CA GLY B 16 -8.56 -21.61 -1.17
C GLY B 16 -8.89 -20.47 -2.10
N ARG B 17 -9.53 -19.42 -1.60
CA ARG B 17 -9.69 -18.20 -2.41
C ARG B 17 -8.31 -17.64 -2.73
N SER B 18 -8.13 -17.18 -3.95
CA SER B 18 -6.88 -16.52 -4.35
C SER B 18 -6.82 -15.09 -3.81
N ALA B 19 -5.63 -14.51 -3.87
CA ALA B 19 -5.45 -13.09 -3.56
C ALA B 19 -6.32 -12.20 -4.48
N ARG B 20 -6.33 -12.48 -5.79
CA ARG B 20 -7.11 -11.68 -6.75
CA ARG B 20 -7.11 -11.65 -6.72
C ARG B 20 -8.61 -11.74 -6.43
N GLN B 21 -9.10 -12.94 -6.13
CA GLN B 21 -10.50 -13.10 -5.73
C GLN B 21 -10.85 -12.31 -4.46
N THR B 22 -9.97 -12.40 -3.47
CA THR B 22 -10.14 -11.70 -2.20
C THR B 22 -10.18 -10.20 -2.43
N PHE B 23 -9.27 -9.70 -3.24
CA PHE B 23 -9.14 -8.28 -3.55
C PHE B 23 -10.34 -7.79 -4.33
N ASP B 24 -10.79 -8.59 -5.29
CA ASP B 24 -11.96 -8.28 -6.09
C ASP B 24 -13.20 -8.20 -5.18
N TRP B 25 -13.36 -9.15 -4.27
CA TRP B 25 -14.50 -9.14 -3.33
C TRP B 25 -14.46 -7.91 -2.43
N GLY B 26 -13.26 -7.49 -2.03
CA GLY B 26 -13.08 -6.28 -1.23
C GLY B 26 -13.52 -5.01 -1.95
N ILE B 27 -13.12 -4.88 -3.21
CA ILE B 27 -13.46 -3.72 -4.02
C ILE B 27 -14.97 -3.70 -4.28
N LYS B 28 -15.52 -4.83 -4.70
CA LYS B 28 -16.96 -4.99 -4.88
C LYS B 28 -17.77 -4.69 -3.62
N SER B 29 -17.26 -5.11 -2.47
CA SER B 29 -17.88 -4.85 -1.19
C SER B 29 -17.84 -3.36 -0.88
N ALA B 30 -16.70 -2.72 -1.10
CA ALA B 30 -16.58 -1.28 -0.86
C ALA B 30 -17.55 -0.47 -1.73
N VAL B 31 -17.63 -0.82 -3.01
CA VAL B 31 -18.48 -0.11 -3.98
C VAL B 31 -19.96 -0.29 -3.63
N GLN B 32 -20.37 -1.51 -3.31
CA GLN B 32 -21.75 -1.76 -2.94
C GLN B 32 -22.13 -1.06 -1.63
N ALA B 33 -21.23 -1.12 -0.63
CA ALA B 33 -21.51 -0.49 0.68
C ALA B 33 -21.72 1.01 0.49
N ASP B 34 -20.82 1.62 -0.27
CA ASP B 34 -20.90 3.03 -0.60
C ASP B 34 -22.24 3.33 -1.28
N SER B 35 -22.66 2.48 -2.23
CA SER B 35 -23.89 2.68 -2.98
C SER B 35 -25.20 2.63 -2.12
N VAL B 36 -25.20 1.94 -0.99
CA VAL B 36 -26.36 1.88 -0.08
C VAL B 36 -26.22 2.69 1.19
N GLY B 37 -25.27 3.64 1.19
CA GLY B 37 -25.11 4.60 2.29
C GLY B 37 -24.44 4.07 3.54
N ILE B 38 -23.69 2.99 3.43
CA ILE B 38 -22.91 2.52 4.59
C ILE B 38 -21.80 3.56 4.82
N ASP B 39 -21.60 3.90 6.10
CA ASP B 39 -20.77 5.05 6.47
C ASP B 39 -19.28 4.75 6.46
N SER B 40 -18.91 3.53 6.85
CA SER B 40 -17.50 3.18 6.93
C SER B 40 -17.24 1.73 6.55
N MET B 41 -16.00 1.50 6.10
CA MET B 41 -15.48 0.16 5.86
C MET B 41 -14.12 0.03 6.56
N MET B 42 -14.07 -0.83 7.57
CA MET B 42 -12.88 -1.18 8.31
C MET B 42 -12.30 -2.45 7.68
N ILE B 43 -11.00 -2.46 7.46
CA ILE B 43 -10.35 -3.59 6.79
C ILE B 43 -9.19 -4.02 7.70
N SER B 44 -9.19 -5.28 8.14
CA SER B 44 -8.21 -5.70 9.14
C SER B 44 -6.91 -6.14 8.47
N GLU B 45 -5.86 -6.30 9.28
CA GLU B 45 -4.49 -6.61 8.86
C GLU B 45 -4.03 -7.88 9.55
N HIS B 46 -3.60 -8.86 8.75
CA HIS B 46 -3.06 -10.15 9.24
C HIS B 46 -2.04 -10.69 8.24
N ALA B 47 -0.88 -11.07 8.73
CA ALA B 47 0.19 -11.66 7.93
C ALA B 47 0.25 -13.18 8.08
N SER B 48 -0.35 -13.72 9.14
CA SER B 48 -0.20 -15.18 9.44
C SER B 48 -1.46 -16.01 9.30
N GLN B 49 -2.61 -15.42 8.99
CA GLN B 49 -3.90 -16.13 9.04
C GLN B 49 -4.50 -16.50 7.67
N ILE B 50 -5.23 -17.62 7.62
CA ILE B 50 -5.82 -18.11 6.36
C ILE B 50 -7.12 -17.40 6.00
N TRP B 51 -8.05 -17.40 6.94
CA TRP B 51 -9.37 -16.81 6.72
C TRP B 51 -9.31 -15.29 6.70
N GLU B 52 -8.43 -14.73 7.54
CA GLU B 52 -8.27 -13.27 7.62
C GLU B 52 -7.01 -12.96 6.80
N ASN B 53 -7.17 -12.87 5.49
CA ASN B 53 -6.06 -12.99 4.53
C ASN B 53 -5.67 -11.68 3.83
N ILE B 54 -5.79 -10.57 4.55
CA ILE B 54 -5.33 -9.30 4.04
C ILE B 54 -4.17 -8.81 4.93
N PRO B 55 -2.93 -8.87 4.41
CA PRO B 55 -1.78 -8.32 5.11
C PRO B 55 -1.53 -6.81 4.97
N ASN B 56 -2.22 -6.16 4.03
CA ASN B 56 -2.01 -4.77 3.65
C ASN B 56 -3.31 -4.10 3.29
N PRO B 57 -4.10 -3.80 4.31
CA PRO B 57 -5.43 -3.22 4.06
C PRO B 57 -5.42 -1.94 3.22
N GLU B 58 -4.33 -1.18 3.34
CA GLU B 58 -4.12 0.01 2.52
C GLU B 58 -4.17 -0.21 1.01
N LEU B 59 -3.75 -1.39 0.55
CA LEU B 59 -3.84 -1.70 -0.89
C LEU B 59 -5.29 -1.73 -1.34
N LEU B 60 -6.17 -2.33 -0.53
CA LEU B 60 -7.59 -2.39 -0.85
CA LEU B 60 -7.61 -2.40 -0.83
C LEU B 60 -8.22 -1.02 -0.75
N ILE B 61 -7.88 -0.30 0.32
CA ILE B 61 -8.43 1.05 0.48
C ILE B 61 -8.11 1.91 -0.75
N ALA B 62 -6.85 1.86 -1.19
CA ALA B 62 -6.40 2.65 -2.30
C ALA B 62 -7.09 2.25 -3.58
N ALA B 63 -7.31 0.96 -3.79
CA ALA B 63 -8.03 0.48 -5.00
C ALA B 63 -9.49 0.84 -5.00
N ALA B 64 -10.10 0.98 -3.81
CA ALA B 64 -11.50 1.40 -3.73
C ALA B 64 -11.71 2.91 -3.64
N ALA B 65 -10.64 3.69 -3.42
CA ALA B 65 -10.71 5.13 -3.14
C ALA B 65 -11.44 5.91 -4.22
N LEU B 66 -10.99 5.82 -5.46
CA LEU B 66 -11.59 6.58 -6.59
C LEU B 66 -12.85 5.93 -7.20
N GLN B 67 -13.25 4.77 -6.67
CA GLN B 67 -14.43 4.05 -7.12
CA GLN B 67 -14.45 4.06 -7.14
C GLN B 67 -15.60 4.26 -6.16
N THR B 68 -15.41 5.09 -5.12
CA THR B 68 -16.44 5.35 -4.14
C THR B 68 -16.53 6.85 -3.93
N LYS B 69 -17.67 7.30 -3.37
CA LYS B 69 -17.98 8.71 -3.18
CA LYS B 69 -17.91 8.73 -3.20
C LYS B 69 -17.95 9.18 -1.73
N ASN B 70 -18.64 8.43 -0.87
CA ASN B 70 -18.93 8.89 0.49
C ASN B 70 -18.35 8.01 1.59
N ILE B 71 -18.22 6.71 1.34
CA ILE B 71 -17.79 5.82 2.41
C ILE B 71 -16.38 6.17 2.90
N LYS B 72 -16.18 6.03 4.22
CA LYS B 72 -14.90 6.28 4.86
C LYS B 72 -14.19 4.95 5.10
N PHE B 73 -12.89 4.90 4.89
CA PHE B 73 -12.12 3.68 5.06
C PHE B 73 -11.23 3.76 6.29
N ALA B 74 -10.98 2.62 6.92
CA ALA B 74 -10.03 2.55 8.00
C ALA B 74 -9.34 1.23 8.02
N PRO B 75 -8.00 1.24 8.06
CA PRO B 75 -7.35 0.02 8.50
C PRO B 75 -7.73 -0.26 9.94
N MET B 76 -8.06 -1.54 10.23
CA MET B 76 -8.52 -1.90 11.56
C MET B 76 -7.89 -3.25 11.92
N ALA B 77 -6.60 -3.26 12.22
CA ALA B 77 -5.78 -2.08 12.46
C ALA B 77 -4.43 -2.27 11.86
N HIS B 78 -3.75 -1.17 11.54
CA HIS B 78 -2.32 -1.21 11.29
C HIS B 78 -1.61 -1.64 12.58
N LEU B 79 -0.79 -2.67 12.47
CA LEU B 79 -0.03 -3.21 13.62
C LEU B 79 1.28 -2.45 13.68
N LEU B 80 1.33 -1.51 14.61
CA LEU B 80 2.44 -0.56 14.68
C LEU B 80 3.81 -1.20 14.94
N PRO B 81 3.84 -2.33 15.67
CA PRO B 81 5.14 -2.94 15.89
C PRO B 81 5.78 -3.56 14.64
N HIS B 82 5.04 -3.67 13.55
CA HIS B 82 5.49 -4.38 12.36
C HIS B 82 6.06 -3.51 11.27
N GLN B 83 6.09 -2.18 11.43
CA GLN B 83 6.60 -1.31 10.37
CA GLN B 83 6.68 -1.34 10.39
C GLN B 83 7.35 -0.10 10.94
N HIS B 84 8.22 0.48 10.13
CA HIS B 84 8.89 1.70 10.51
C HIS B 84 7.85 2.83 10.59
N PRO B 85 7.81 3.57 11.73
CA PRO B 85 6.76 4.56 11.90
C PRO B 85 6.78 5.70 10.91
N ALA B 86 7.96 6.09 10.45
CA ALA B 86 8.05 7.11 9.38
C ALA B 86 7.43 6.68 8.06
N LYS B 87 7.70 5.44 7.68
CA LYS B 87 7.17 4.88 6.44
C LYS B 87 5.67 4.76 6.53
N LEU B 88 5.20 4.28 7.66
CA LEU B 88 3.77 4.16 7.92
C LEU B 88 3.05 5.50 7.98
N ALA B 89 3.63 6.44 8.72
CA ALA B 89 3.04 7.79 8.83
C ALA B 89 2.88 8.47 7.48
N THR B 90 3.91 8.34 6.65
CA THR B 90 3.87 8.91 5.30
C THR B 90 2.76 8.31 4.43
N MET B 91 2.65 6.98 4.45
CA MET B 91 1.61 6.29 3.69
C MET B 91 0.19 6.68 4.15
N ILE B 92 -0.01 6.76 5.46
CA ILE B 92 -1.27 7.16 6.03
C ILE B 92 -1.67 8.55 5.57
N GLY B 93 -0.75 9.49 5.65
CA GLY B 93 -1.06 10.85 5.24
C GLY B 93 -1.35 10.95 3.76
N TRP B 94 -0.58 10.24 2.93
CA TRP B 94 -0.81 10.29 1.52
C TRP B 94 -2.16 9.68 1.18
N LEU B 95 -2.46 8.49 1.75
CA LEU B 95 -3.75 7.85 1.49
C LEU B 95 -4.94 8.69 1.96
N SER B 96 -4.79 9.28 3.13
CA SER B 96 -5.77 10.23 3.65
C SER B 96 -6.00 11.34 2.66
N GLN B 97 -4.93 11.87 2.07
CA GLN B 97 -5.08 12.91 1.05
C GLN B 97 -5.82 12.44 -0.20
N ILE B 98 -5.49 11.25 -0.69
CA ILE B 98 -6.11 10.64 -1.87
C ILE B 98 -7.62 10.51 -1.63
N LEU B 99 -7.98 10.11 -0.41
CA LEU B 99 -9.38 9.98 -0.01
C LEU B 99 -10.08 11.28 0.37
N GLU B 100 -9.37 12.40 0.36
CA GLU B 100 -9.93 13.70 0.74
C GLU B 100 -10.58 13.60 2.12
N GLY B 101 -9.88 12.94 3.04
CA GLY B 101 -10.35 12.81 4.41
C GLY B 101 -11.34 11.72 4.74
N ARG B 102 -11.78 10.93 3.74
CA ARG B 102 -12.66 9.79 3.97
C ARG B 102 -11.84 8.61 4.52
N TYR B 103 -11.25 8.82 5.69
CA TYR B 103 -10.21 7.95 6.20
C TYR B 103 -10.09 8.17 7.67
N PHE B 104 -9.94 7.08 8.43
CA PHE B 104 -9.47 7.13 9.81
C PHE B 104 -8.57 5.93 10.06
N LEU B 105 -7.87 5.90 11.20
CA LEU B 105 -6.75 5.01 11.42
C LEU B 105 -6.94 4.12 12.63
N GLY B 106 -7.07 2.82 12.40
CA GLY B 106 -7.01 1.86 13.51
C GLY B 106 -5.56 1.53 13.76
N ILE B 107 -5.19 1.53 15.04
CA ILE B 107 -3.88 1.10 15.48
CA ILE B 107 -3.87 1.10 15.46
C ILE B 107 -4.00 -0.08 16.44
N GLY B 108 -3.01 -0.94 16.42
CA GLY B 108 -3.00 -2.15 17.26
C GLY B 108 -1.59 -2.68 17.47
N ALA B 109 -1.48 -3.58 18.43
CA ALA B 109 -0.24 -4.29 18.77
C ALA B 109 -0.10 -5.59 17.98
N GLY B 110 -1.23 -6.25 17.70
CA GLY B 110 -1.24 -7.53 17.02
C GLY B 110 -1.37 -8.66 18.01
N ALA B 111 -2.40 -9.48 17.80
CA ALA B 111 -2.79 -10.56 18.73
C ALA B 111 -2.34 -11.96 18.30
N TYR B 112 -1.47 -12.04 17.29
CA TYR B 112 -1.05 -13.31 16.69
C TYR B 112 0.48 -13.43 16.81
N PRO B 113 0.96 -14.22 17.82
CA PRO B 113 2.40 -14.35 18.00
C PRO B 113 3.18 -14.80 16.76
N GLN B 114 2.58 -15.63 15.90
CA GLN B 114 3.26 -16.07 14.68
CA GLN B 114 3.27 -16.06 14.68
C GLN B 114 3.66 -14.86 13.80
N ALA B 115 2.75 -13.90 13.69
CA ALA B 115 3.02 -12.68 12.94
C ALA B 115 3.99 -11.76 13.65
N SER B 116 3.85 -11.63 14.96
CA SER B 116 4.86 -10.88 15.76
C SER B 116 6.26 -11.38 15.51
N TYR B 117 6.41 -12.70 15.54
CA TYR B 117 7.68 -13.39 15.30
C TYR B 117 8.31 -13.00 13.97
N MET B 118 7.49 -13.01 12.91
CA MET B 118 7.94 -12.63 11.57
CA MET B 118 7.96 -12.65 11.58
C MET B 118 8.58 -11.26 11.57
N HIS B 119 8.01 -10.36 12.35
CA HIS B 119 8.49 -8.97 12.40
C HIS B 119 9.50 -8.70 13.49
N GLY B 120 10.09 -9.78 14.03
CA GLY B 120 11.26 -9.70 14.90
C GLY B 120 10.96 -9.60 16.39
N ILE B 121 9.75 -9.98 16.77
CA ILE B 121 9.29 -9.89 18.15
C ILE B 121 9.02 -11.33 18.61
N ARG B 122 9.99 -11.91 19.30
CA ARG B 122 9.77 -13.24 19.92
C ARG B 122 8.93 -13.10 21.19
N ASN B 123 8.24 -14.17 21.56
CA ASN B 123 7.47 -14.22 22.81
C ASN B 123 6.45 -13.08 23.00
N ALA B 124 5.70 -12.76 21.95
CA ALA B 124 4.64 -11.75 22.04
C ALA B 124 3.53 -12.14 23.03
N GLY B 125 3.27 -13.44 23.17
CA GLY B 125 2.30 -13.96 24.15
C GLY B 125 2.66 -13.80 25.63
N GLN B 126 3.95 -13.68 25.94
CA GLN B 126 4.47 -13.61 27.30
C GLN B 126 4.70 -12.18 27.78
N THR B 136 13.52 -8.35 26.52
CA THR B 136 12.61 -8.65 25.40
C THR B 136 11.91 -7.37 24.93
N LYS B 137 11.05 -7.50 23.93
CA LYS B 137 10.32 -6.37 23.34
C LYS B 137 8.88 -6.40 23.84
N ASN B 138 8.33 -5.23 24.16
CA ASN B 138 6.99 -5.12 24.63
C ASN B 138 6.16 -4.47 23.51
N LEU B 139 5.18 -5.21 22.98
CA LEU B 139 4.36 -4.69 21.86
C LEU B 139 3.62 -3.40 22.20
N ASN B 140 3.13 -3.28 23.43
CA ASN B 140 2.42 -2.07 23.81
C ASN B 140 3.33 -0.84 23.85
N ASP B 141 4.55 -1.01 24.34
CA ASP B 141 5.57 0.06 24.33
CA ASP B 141 5.56 0.07 24.34
C ASP B 141 5.91 0.45 22.90
N MET B 142 5.96 -0.57 22.04
CA MET B 142 6.25 -0.34 20.60
C MET B 142 5.14 0.48 19.94
N VAL B 143 3.88 0.17 20.26
CA VAL B 143 2.74 0.97 19.83
C VAL B 143 2.86 2.44 20.28
N ARG B 144 3.20 2.64 21.56
CA ARG B 144 3.33 3.99 22.10
CA ARG B 144 3.37 3.98 22.13
C ARG B 144 4.47 4.77 21.42
N GLU B 145 5.62 4.13 21.22
CA GLU B 145 6.72 4.79 20.52
C GLU B 145 6.40 5.13 19.05
N SER B 146 5.76 4.20 18.35
CA SER B 146 5.36 4.45 16.96
C SER B 146 4.43 5.66 16.88
N LEU B 147 3.38 5.67 17.70
CA LEU B 147 2.43 6.76 17.75
CA LEU B 147 2.44 6.75 17.73
C LEU B 147 3.11 8.10 18.02
N PHE B 148 3.99 8.11 18.99
CA PHE B 148 4.78 9.30 19.34
C PHE B 148 5.48 9.82 18.10
N ILE B 149 6.17 8.93 17.37
CA ILE B 149 6.88 9.31 16.13
C ILE B 149 5.95 9.77 15.01
N MET B 150 4.89 8.99 14.75
CA MET B 150 3.96 9.32 13.69
C MET B 150 3.27 10.67 13.90
N GLU B 151 2.87 10.98 15.13
CA GLU B 151 2.18 12.25 15.39
CA GLU B 151 2.17 12.25 15.41
C GLU B 151 3.06 13.45 15.06
N LYS B 152 4.33 13.35 15.39
CA LYS B 152 5.33 14.37 15.07
C LYS B 152 5.56 14.50 13.56
N ILE B 153 5.66 13.39 12.87
CA ILE B 153 5.82 13.42 11.41
C ILE B 153 4.62 14.09 10.73
N TRP B 154 3.40 13.79 11.20
CA TRP B 154 2.19 14.43 10.65
C TRP B 154 2.13 15.95 10.83
N LYS B 155 2.70 16.42 11.91
CA LYS B 155 2.79 17.84 12.23
CA LYS B 155 2.75 17.85 12.20
C LYS B 155 3.82 18.57 11.36
N ARG B 156 4.73 17.81 10.75
CA ARG B 156 5.77 18.35 9.88
C ARG B 156 6.62 19.37 10.64
N GLU B 157 6.88 19.06 11.88
CA GLU B 157 7.80 19.84 12.69
C GLU B 157 9.10 19.06 12.83
N PRO B 158 10.24 19.69 12.56
CA PRO B 158 11.42 18.84 12.51
C PRO B 158 11.88 18.30 13.86
N PHE B 159 12.55 17.14 13.77
CA PHE B 159 13.11 16.42 14.90
C PHE B 159 13.93 15.26 14.41
N PHE B 160 14.73 14.69 15.32
CA PHE B 160 15.27 13.35 15.13
C PHE B 160 15.14 12.62 16.44
N HIS B 161 14.68 11.38 16.37
CA HIS B 161 14.40 10.59 17.57
C HIS B 161 15.16 9.30 17.50
N GLU B 162 15.98 9.02 18.52
CA GLU B 162 16.61 7.73 18.69
C GLU B 162 15.89 7.00 19.76
N GLY B 163 15.00 6.10 19.35
CA GLY B 163 14.11 5.42 20.29
C GLY B 163 14.64 4.07 20.74
N LYS B 164 13.89 3.41 21.59
CA LYS B 164 14.16 2.03 21.98
CA LYS B 164 14.19 2.04 21.98
C LYS B 164 13.98 1.09 20.80
N TYR B 165 12.99 1.38 19.95
CA TYR B 165 12.60 0.49 18.86
C TYR B 165 12.94 1.01 17.47
N TRP B 166 12.88 2.31 17.26
CA TRP B 166 13.20 2.90 15.96
C TRP B 166 13.93 4.23 16.10
N ASP B 167 14.68 4.59 15.04
CA ASP B 167 15.18 5.92 14.81
C ASP B 167 14.28 6.50 13.71
N ALA B 168 13.93 7.76 13.85
CA ALA B 168 13.07 8.42 12.87
C ALA B 168 13.17 9.91 13.03
N GLY B 169 12.69 10.64 12.02
CA GLY B 169 12.77 12.12 12.11
C GLY B 169 11.95 12.81 11.09
N TYR B 170 12.04 14.13 11.12
CA TYR B 170 11.46 14.96 10.07
C TYR B 170 12.47 16.10 9.85
N PRO B 171 12.96 16.28 8.63
CA PRO B 171 14.07 17.20 8.44
C PRO B 171 13.64 18.66 8.37
N GLU B 172 14.57 19.57 8.62
CA GLU B 172 14.42 20.99 8.32
CA GLU B 172 14.31 20.98 8.32
C GLU B 172 14.51 21.16 6.81
N GLU B 173 13.90 22.21 6.29
CA GLU B 173 14.06 22.58 4.88
C GLU B 173 15.56 22.84 4.55
N LEU B 174 16.01 22.46 3.35
CA LEU B 174 17.40 22.78 2.91
C LEU B 174 17.57 24.28 2.64
N GLU B 175 18.84 24.71 2.59
CA GLU B 175 19.21 26.09 2.25
C GLU B 175 19.42 26.34 0.73
N ASP B 180 11.95 28.81 -5.11
CA ASP B 180 10.94 28.01 -5.80
C ASP B 180 10.30 26.99 -4.85
N GLU B 181 8.95 26.99 -4.81
CA GLU B 181 8.16 25.98 -4.07
C GLU B 181 8.61 24.51 -4.31
N GLN B 182 9.01 24.20 -5.56
CA GLN B 182 9.44 22.86 -5.98
C GLN B 182 10.63 22.20 -5.24
N HIS B 183 11.39 22.97 -4.49
CA HIS B 183 12.51 22.43 -3.70
C HIS B 183 12.25 22.31 -2.19
N LYS B 184 11.07 22.77 -1.75
CA LYS B 184 10.61 22.53 -0.38
C LYS B 184 10.34 21.04 -0.17
N LEU B 185 10.08 20.65 1.07
CA LEU B 185 9.74 19.28 1.38
C LEU B 185 8.33 18.93 0.90
N ALA B 186 8.16 17.68 0.43
CA ALA B 186 6.82 17.15 0.12
C ALA B 186 5.92 17.24 1.33
N ASP B 187 4.62 17.38 1.10
CA ASP B 187 3.65 17.41 2.18
C ASP B 187 2.77 16.20 2.11
N PHE B 188 3.11 15.19 2.90
CA PHE B 188 2.33 14.00 3.06
C PHE B 188 1.60 13.96 4.39
N SER B 189 1.31 15.13 4.98
CA SER B 189 0.47 15.20 6.18
C SER B 189 -0.91 14.76 5.82
N PRO B 190 -1.69 14.21 6.79
CA PRO B 190 -3.02 13.77 6.41
C PRO B 190 -3.91 14.95 6.14
N TRP B 191 -5.09 14.63 5.63
CA TRP B 191 -5.99 15.64 5.06
C TRP B 191 -6.32 16.70 6.08
N GLY B 192 -6.21 17.97 5.69
CA GLY B 192 -6.33 19.09 6.61
C GLY B 192 -5.09 19.37 7.45
N GLY B 193 -3.99 18.67 7.19
CA GLY B 193 -2.75 18.84 7.90
C GLY B 193 -2.67 18.37 9.35
N LYS B 194 -3.66 17.59 9.80
CA LYS B 194 -3.78 17.10 11.18
CA LYS B 194 -3.67 17.09 11.17
C LYS B 194 -3.81 15.58 11.18
N ALA B 195 -3.50 15.00 12.33
CA ALA B 195 -3.58 13.54 12.52
C ALA B 195 -4.94 13.04 12.09
N PRO B 196 -5.02 11.82 11.51
CA PRO B 196 -6.35 11.30 11.28
C PRO B 196 -6.96 10.98 12.63
N GLU B 197 -8.26 10.80 12.66
CA GLU B 197 -8.88 10.22 13.84
C GLU B 197 -8.28 8.84 14.05
N ILE B 198 -7.97 8.52 15.28
CA ILE B 198 -7.38 7.22 15.61
C ILE B 198 -8.41 6.37 16.33
N ALA B 199 -8.41 5.08 16.01
CA ALA B 199 -9.30 4.08 16.61
C ALA B 199 -8.51 2.90 17.15
N VAL B 200 -9.05 2.24 18.17
CA VAL B 200 -8.52 0.97 18.67
C VAL B 200 -9.68 0.06 18.98
N THR B 201 -9.46 -1.25 18.82
CA THR B 201 -10.48 -2.24 19.16
C THR B 201 -10.27 -2.75 20.56
N GLY B 202 -11.35 -3.25 21.14
CA GLY B 202 -11.32 -3.93 22.42
C GLY B 202 -12.25 -5.13 22.42
N PHE B 203 -11.87 -6.18 23.17
CA PHE B 203 -12.73 -7.37 23.34
C PHE B 203 -12.98 -7.71 24.81
N SER B 204 -11.90 -7.96 25.57
CA SER B 204 -12.00 -8.43 26.97
C SER B 204 -12.81 -7.46 27.85
N TYR B 205 -13.29 -7.98 28.98
CA TYR B 205 -14.23 -7.23 29.83
C TYR B 205 -13.62 -5.92 30.35
N ASN B 206 -12.47 -6.02 31.02
CA ASN B 206 -11.70 -4.84 31.42
C ASN B 206 -10.62 -4.63 30.37
N SER B 207 -11.00 -3.99 29.27
CA SER B 207 -10.12 -3.84 28.12
C SER B 207 -9.14 -2.71 28.36
N PRO B 208 -7.83 -3.02 28.43
CA PRO B 208 -6.85 -1.92 28.45
C PRO B 208 -6.91 -1.00 27.24
N SER B 209 -7.31 -1.53 26.07
CA SER B 209 -7.48 -0.71 24.86
C SER B 209 -8.51 0.38 25.03
N MET B 210 -9.62 0.05 25.69
CA MET B 210 -10.65 1.05 25.99
C MET B 210 -10.16 2.16 26.89
N ARG B 211 -9.29 1.84 27.85
CA ARG B 211 -8.71 2.84 28.73
CA ARG B 211 -8.69 2.82 28.74
C ARG B 211 -7.78 3.75 27.94
N LEU B 212 -6.88 3.14 27.15
CA LEU B 212 -6.00 3.91 26.27
C LEU B 212 -6.79 4.83 25.36
N ALA B 213 -7.84 4.28 24.76
CA ALA B 213 -8.69 5.04 23.89
C ALA B 213 -9.28 6.26 24.59
N GLY B 214 -9.82 6.05 25.79
CA GLY B 214 -10.37 7.14 26.58
C GLY B 214 -9.32 8.19 26.91
N GLU B 215 -8.18 7.74 27.44
CA GLU B 215 -7.04 8.62 27.78
C GLU B 215 -6.63 9.53 26.62
N ARG B 216 -6.66 8.97 25.41
CA ARG B 216 -6.17 9.70 24.25
CA ARG B 216 -6.15 9.63 24.21
C ARG B 216 -7.25 10.21 23.32
N ASN B 217 -8.52 10.03 23.69
CA ASN B 217 -9.64 10.52 22.86
C ASN B 217 -9.75 9.82 21.50
N PHE B 218 -9.31 8.57 21.48
CA PHE B 218 -9.45 7.73 20.28
C PHE B 218 -10.89 7.25 20.15
N LYS B 219 -11.23 6.76 18.97
CA LYS B 219 -12.50 6.12 18.70
C LYS B 219 -12.48 4.70 19.23
N PRO B 220 -13.44 4.34 20.11
CA PRO B 220 -13.46 2.97 20.58
C PRO B 220 -14.28 2.06 19.66
N VAL B 221 -13.75 0.88 19.38
CA VAL B 221 -14.43 -0.09 18.54
C VAL B 221 -14.52 -1.36 19.38
N SER B 222 -15.72 -1.71 19.81
CA SER B 222 -15.92 -2.87 20.66
C SER B 222 -16.39 -4.03 19.80
N ILE B 223 -15.84 -5.21 20.08
CA ILE B 223 -16.29 -6.45 19.43
CA ILE B 223 -16.28 -6.48 19.46
C ILE B 223 -17.33 -7.07 20.36
N PHE B 224 -18.57 -7.20 19.88
CA PHE B 224 -19.66 -7.62 20.78
C PHE B 224 -19.44 -8.99 21.39
N SER B 225 -19.28 -9.02 22.70
CA SER B 225 -19.08 -10.27 23.42
C SER B 225 -20.13 -10.50 24.52
N GLY B 226 -21.17 -9.65 24.59
CA GLY B 226 -22.16 -9.71 25.64
C GLY B 226 -22.48 -8.37 26.25
N LEU B 227 -23.58 -8.34 26.99
CA LEU B 227 -24.09 -7.12 27.61
C LEU B 227 -23.15 -6.52 28.64
N ASP B 228 -22.54 -7.36 29.47
CA ASP B 228 -21.69 -6.86 30.55
C ASP B 228 -20.44 -6.13 30.00
N ALA B 229 -19.78 -6.77 29.04
CA ALA B 229 -18.59 -6.20 28.44
C ALA B 229 -18.90 -4.91 27.68
N LEU B 230 -20.02 -4.90 26.95
CA LEU B 230 -20.36 -3.71 26.19
C LEU B 230 -20.55 -2.50 27.12
N LYS B 231 -21.25 -2.72 28.23
CA LYS B 231 -21.37 -1.69 29.27
C LYS B 231 -20.03 -1.33 29.90
N ARG B 232 -19.22 -2.33 30.22
CA ARG B 232 -17.94 -2.09 30.89
C ARG B 232 -16.97 -1.31 30.00
N HIS B 233 -16.97 -1.65 28.70
CA HIS B 233 -16.15 -0.91 27.72
C HIS B 233 -16.45 0.57 27.77
N TRP B 234 -17.72 0.93 27.73
CA TRP B 234 -18.08 2.35 27.75
C TRP B 234 -17.76 3.02 29.09
N GLU B 235 -17.95 2.27 30.16
CA GLU B 235 -17.63 2.74 31.50
C GLU B 235 -16.13 3.06 31.59
N VAL B 236 -15.29 2.11 31.19
CA VAL B 236 -13.84 2.31 31.22
C VAL B 236 -13.42 3.47 30.30
N TYR B 237 -13.96 3.47 29.07
CA TYR B 237 -13.64 4.50 28.11
C TYR B 237 -13.97 5.91 28.62
N SER B 238 -15.23 6.13 29.00
CA SER B 238 -15.65 7.48 29.43
C SER B 238 -14.93 7.96 30.69
N GLU B 239 -14.69 7.05 31.63
CA GLU B 239 -14.01 7.42 32.86
C GLU B 239 -12.58 7.89 32.56
N ALA B 240 -11.91 7.15 31.68
CA ALA B 240 -10.58 7.57 31.20
C ALA B 240 -10.64 8.90 30.41
N ALA B 241 -11.63 9.05 29.53
CA ALA B 241 -11.83 10.30 28.79
C ALA B 241 -12.01 11.52 29.72
N ILE B 242 -12.94 11.39 30.66
CA ILE B 242 -13.27 12.47 31.61
CA ILE B 242 -13.27 12.44 31.64
C ILE B 242 -12.03 12.86 32.42
N GLU B 243 -11.31 11.86 32.95
CA GLU B 243 -10.10 12.12 33.74
CA GLU B 243 -10.08 12.08 33.72
C GLU B 243 -9.02 12.81 32.91
N ALA B 244 -8.90 12.43 31.63
CA ALA B 244 -7.98 13.10 30.70
C ALA B 244 -8.47 14.45 30.21
N GLY B 245 -9.69 14.84 30.56
CA GLY B 245 -10.23 16.15 30.18
C GLY B 245 -10.99 16.18 28.86
N HIS B 246 -11.35 15.00 28.35
CA HIS B 246 -12.10 14.88 27.09
C HIS B 246 -13.56 14.65 27.42
N THR B 247 -14.44 15.02 26.48
CA THR B 247 -15.87 14.78 26.59
C THR B 247 -16.25 13.48 25.84
N PRO B 248 -16.54 12.39 26.58
CA PRO B 248 -16.92 11.12 25.90
C PRO B 248 -18.17 11.24 25.02
N ASP B 249 -18.12 10.76 23.78
CA ASP B 249 -19.22 10.89 22.82
C ASP B 249 -19.66 9.52 22.34
N ARG B 250 -20.81 9.03 22.79
CA ARG B 250 -21.24 7.65 22.46
CA ARG B 250 -21.22 7.66 22.47
C ARG B 250 -21.44 7.42 20.98
N SER B 251 -21.70 8.48 20.22
CA SER B 251 -21.88 8.38 18.78
CA SER B 251 -21.89 8.37 18.79
C SER B 251 -20.59 8.01 18.06
N ARG B 252 -19.44 8.13 18.74
CA ARG B 252 -18.16 7.65 18.21
C ARG B 252 -17.99 6.15 18.35
N HIS B 253 -18.69 5.52 19.30
CA HIS B 253 -18.50 4.12 19.65
C HIS B 253 -18.98 3.24 18.51
N ALA B 254 -18.09 2.39 17.97
CA ALA B 254 -18.47 1.40 16.96
C ALA B 254 -18.51 0.04 17.61
N VAL B 255 -19.54 -0.74 17.30
CA VAL B 255 -19.68 -2.09 17.88
C VAL B 255 -19.84 -3.11 16.74
N SER B 256 -18.97 -4.13 16.78
CA SER B 256 -18.89 -5.13 15.73
C SER B 256 -19.84 -6.28 16.05
N HIS B 257 -20.73 -6.61 15.10
CA HIS B 257 -21.75 -7.67 15.26
C HIS B 257 -21.85 -8.48 13.99
N THR B 258 -22.23 -9.75 14.13
CA THR B 258 -22.82 -10.50 13.02
C THR B 258 -24.26 -10.01 12.81
N VAL B 259 -24.57 -9.63 11.57
CA VAL B 259 -25.86 -9.02 11.26
C VAL B 259 -26.32 -9.51 9.91
N PHE B 260 -27.56 -10.01 9.86
CA PHE B 260 -28.11 -10.47 8.60
C PHE B 260 -29.61 -10.25 8.56
N CYS B 261 -30.05 -9.53 7.52
CA CYS B 261 -31.44 -9.18 7.34
CA CYS B 261 -31.43 -9.14 7.34
C CYS B 261 -32.02 -9.74 6.05
N ALA B 262 -33.24 -10.27 6.14
CA ALA B 262 -34.02 -10.73 4.97
C ALA B 262 -35.49 -10.37 5.20
N ASP B 263 -36.35 -10.63 4.20
CA ASP B 263 -37.78 -10.24 4.28
C ASP B 263 -38.50 -10.81 5.50
N THR B 264 -38.27 -12.08 5.82
CA THR B 264 -38.85 -12.71 7.01
C THR B 264 -37.79 -13.20 7.98
N ASP B 265 -38.20 -13.44 9.22
CA ASP B 265 -37.34 -14.07 10.23
C ASP B 265 -36.86 -15.44 9.77
N LYS B 266 -37.78 -16.19 9.15
CA LYS B 266 -37.49 -17.55 8.71
C LYS B 266 -36.43 -17.59 7.61
N GLU B 267 -36.58 -16.72 6.63
CA GLU B 267 -35.64 -16.65 5.52
CA GLU B 267 -35.63 -16.67 5.52
C GLU B 267 -34.26 -16.21 6.03
N ALA B 268 -34.25 -15.14 6.84
CA ALA B 268 -33.03 -14.62 7.46
C ALA B 268 -32.24 -15.72 8.14
N LYS B 269 -32.91 -16.44 9.03
CA LYS B 269 -32.31 -17.56 9.75
C LYS B 269 -31.82 -18.69 8.85
N ARG B 270 -32.62 -19.09 7.87
CA ARG B 270 -32.19 -20.18 6.99
CA ARG B 270 -32.24 -20.15 6.92
C ARG B 270 -30.96 -19.78 6.18
N LEU B 271 -30.96 -18.56 5.62
CA LEU B 271 -29.82 -18.03 4.87
C LEU B 271 -28.51 -17.98 5.69
N VAL B 272 -28.61 -17.64 6.98
CA VAL B 272 -27.48 -17.67 7.88
C VAL B 272 -27.08 -19.12 8.17
N MET B 273 -28.04 -19.94 8.58
CA MET B 273 -27.73 -21.32 8.95
C MET B 273 -27.09 -22.12 7.81
N GLU B 274 -27.64 -22.00 6.62
CA GLU B 274 -27.23 -22.85 5.48
C GLU B 274 -26.21 -22.18 4.57
N GLY B 275 -25.88 -20.90 4.80
CA GLY B 275 -25.00 -20.15 3.90
C GLY B 275 -23.60 -19.86 4.44
N PRO B 276 -22.87 -18.92 3.80
CA PRO B 276 -21.51 -18.51 4.16
C PRO B 276 -21.24 -18.25 5.65
N ILE B 277 -22.19 -17.57 6.31
CA ILE B 277 -22.02 -17.21 7.72
C ILE B 277 -21.98 -18.48 8.56
N GLY B 278 -22.99 -19.32 8.40
CA GLY B 278 -23.03 -20.58 9.13
C GLY B 278 -21.83 -21.46 8.85
N TYR B 279 -21.44 -21.52 7.59
CA TYR B 279 -20.24 -22.27 7.21
C TYR B 279 -18.96 -21.82 7.93
N CYS B 280 -18.72 -20.50 7.94
CA CYS B 280 -17.54 -19.97 8.61
C CYS B 280 -17.57 -20.25 10.12
N PHE B 281 -18.74 -20.07 10.71
CA PHE B 281 -18.89 -20.30 12.13
C PHE B 281 -18.65 -21.78 12.51
N GLU B 282 -19.26 -22.69 11.75
CA GLU B 282 -19.10 -24.11 12.10
C GLU B 282 -17.70 -24.64 11.80
N ARG B 283 -17.14 -24.25 10.65
CA ARG B 283 -15.80 -24.72 10.26
CA ARG B 283 -15.81 -24.73 10.27
C ARG B 283 -14.66 -24.07 11.07
N TYR B 284 -14.80 -22.78 11.39
CA TYR B 284 -13.69 -22.00 11.88
C TYR B 284 -13.94 -21.26 13.20
N LEU B 285 -14.94 -20.39 13.25
CA LEU B 285 -15.06 -19.47 14.39
C LEU B 285 -15.53 -20.12 15.69
N ILE B 286 -16.56 -20.96 15.63
CA ILE B 286 -17.07 -21.59 16.85
C ILE B 286 -15.97 -22.34 17.62
N PRO B 287 -15.20 -23.22 16.93
CA PRO B 287 -14.11 -23.89 17.64
C PRO B 287 -13.08 -22.98 18.29
N ILE B 288 -12.66 -21.92 17.60
CA ILE B 288 -11.76 -20.90 18.18
C ILE B 288 -12.41 -20.24 19.39
N TRP B 289 -13.64 -19.77 19.20
CA TRP B 289 -14.37 -19.11 20.28
C TRP B 289 -14.51 -20.02 21.51
N ARG B 290 -14.81 -21.29 21.27
CA ARG B 290 -14.87 -22.32 22.33
CA ARG B 290 -14.89 -22.28 22.35
C ARG B 290 -13.53 -22.43 23.05
N ARG B 291 -12.46 -22.66 22.28
CA ARG B 291 -11.10 -22.82 22.84
CA ARG B 291 -11.11 -22.84 22.85
C ARG B 291 -10.68 -21.63 23.71
N PHE B 292 -11.01 -20.43 23.26
CA PHE B 292 -10.56 -19.23 23.96
C PHE B 292 -11.58 -18.60 24.92
N GLY B 293 -12.70 -19.28 25.16
CA GLY B 293 -13.74 -18.82 26.08
C GLY B 293 -14.46 -17.55 25.64
N MET B 294 -14.54 -17.35 24.33
CA MET B 294 -15.14 -16.12 23.77
C MET B 294 -16.67 -16.14 23.71
N MET B 295 -17.29 -17.27 24.10
CA MET B 295 -18.75 -17.36 24.20
C MET B 295 -19.30 -17.28 25.63
N ASP B 296 -18.44 -17.02 26.62
CA ASP B 296 -18.85 -16.97 28.03
C ASP B 296 -19.82 -15.83 28.33
N GLY B 297 -19.59 -14.69 27.70
CA GLY B 297 -20.51 -13.57 27.81
C GLY B 297 -21.88 -13.89 27.24
N TYR B 298 -21.92 -14.52 26.06
CA TYR B 298 -23.20 -14.91 25.45
C TYR B 298 -23.92 -15.96 26.28
N ALA B 299 -23.15 -16.96 26.74
CA ALA B 299 -23.64 -18.02 27.63
C ALA B 299 -24.33 -17.43 28.88
N LYS B 300 -23.62 -16.54 29.58
CA LYS B 300 -24.13 -15.82 30.74
C LYS B 300 -25.43 -15.07 30.44
N ASP B 301 -25.45 -14.34 29.34
CA ASP B 301 -26.64 -13.55 28.95
C ASP B 301 -27.86 -14.43 28.71
N ALA B 302 -27.66 -15.60 28.10
CA ALA B 302 -28.76 -16.50 27.78
C ALA B 302 -29.02 -17.58 28.84
N GLY B 303 -28.12 -17.71 29.81
CA GLY B 303 -28.22 -18.75 30.83
C GLY B 303 -28.02 -20.15 30.29
N ILE B 304 -26.91 -20.36 29.59
CA ILE B 304 -26.51 -21.72 29.15
C ILE B 304 -25.07 -21.99 29.52
N ASP B 305 -24.66 -23.24 29.31
CA ASP B 305 -23.26 -23.64 29.47
C ASP B 305 -22.58 -23.36 28.12
N PRO B 306 -21.41 -22.68 28.15
CA PRO B 306 -20.63 -22.45 26.93
C PRO B 306 -20.44 -23.69 26.06
N VAL B 307 -20.33 -24.89 26.66
CA VAL B 307 -20.22 -26.13 25.88
C VAL B 307 -21.37 -26.31 24.89
N ASP B 308 -22.56 -25.83 25.22
CA ASP B 308 -23.77 -25.96 24.36
C ASP B 308 -24.05 -24.78 23.42
N ALA B 309 -23.15 -23.79 23.39
CA ALA B 309 -23.22 -22.71 22.42
C ALA B 309 -22.77 -23.23 21.04
N ASP B 310 -23.76 -23.57 20.23
CA ASP B 310 -23.59 -24.02 18.86
C ASP B 310 -24.12 -22.95 17.89
N LEU B 311 -24.12 -23.25 16.59
CA LEU B 311 -24.53 -22.27 15.58
C LEU B 311 -25.93 -21.73 15.81
N GLU B 312 -26.90 -22.61 16.00
CA GLU B 312 -28.29 -22.16 16.12
C GLU B 312 -28.54 -21.36 17.38
N PHE B 313 -27.83 -21.67 18.45
CA PHE B 313 -27.84 -20.86 19.65
C PHE B 313 -27.42 -19.43 19.33
N LEU B 314 -26.32 -19.27 18.58
CA LEU B 314 -25.81 -17.93 18.24
C LEU B 314 -26.78 -17.18 17.36
N VAL B 315 -27.39 -17.89 16.41
CA VAL B 315 -28.35 -17.31 15.50
C VAL B 315 -29.60 -16.82 16.24
N ASP B 316 -30.09 -17.60 17.19
CA ASP B 316 -31.30 -17.25 17.95
C ASP B 316 -31.07 -16.22 19.04
N ASN B 317 -29.88 -16.19 19.63
CA ASN B 317 -29.61 -15.40 20.84
C ASN B 317 -28.59 -14.26 20.74
N VAL B 318 -27.68 -14.30 19.75
CA VAL B 318 -26.51 -13.39 19.73
C VAL B 318 -26.51 -12.54 18.47
N PHE B 319 -26.49 -13.20 17.33
CA PHE B 319 -26.45 -12.53 16.03
C PHE B 319 -27.68 -11.65 15.85
N LEU B 320 -27.52 -10.49 15.22
CA LEU B 320 -28.63 -9.62 14.90
C LEU B 320 -29.20 -10.08 13.57
N VAL B 321 -30.07 -11.09 13.64
CA VAL B 321 -30.60 -11.77 12.47
C VAL B 321 -32.12 -11.73 12.48
N GLY B 322 -32.74 -11.48 11.33
CA GLY B 322 -34.19 -11.51 11.20
C GLY B 322 -34.69 -10.53 10.15
N SER B 323 -35.99 -10.27 10.18
CA SER B 323 -36.58 -9.20 9.38
C SER B 323 -36.06 -7.83 9.83
N PRO B 324 -36.24 -6.79 8.99
CA PRO B 324 -35.92 -5.42 9.42
C PRO B 324 -36.54 -5.01 10.75
N ASP B 325 -37.81 -5.38 10.98
CA ASP B 325 -38.48 -5.10 12.27
CA ASP B 325 -38.50 -5.12 12.26
C ASP B 325 -37.82 -5.87 13.42
N THR B 326 -37.57 -7.16 13.22
CA THR B 326 -36.91 -7.99 14.22
C THR B 326 -35.50 -7.49 14.58
N VAL B 327 -34.72 -7.13 13.58
CA VAL B 327 -33.35 -6.68 13.83
C VAL B 327 -33.41 -5.32 14.51
N THR B 328 -34.29 -4.44 14.04
CA THR B 328 -34.57 -3.16 14.71
C THR B 328 -34.89 -3.32 16.20
N GLU B 329 -35.72 -4.32 16.52
CA GLU B 329 -36.12 -4.63 17.91
CA GLU B 329 -36.09 -4.54 17.92
C GLU B 329 -34.93 -5.10 18.73
N LYS B 330 -34.17 -6.02 18.15
CA LYS B 330 -32.99 -6.55 18.83
C LYS B 330 -31.98 -5.47 19.14
N ILE B 331 -31.75 -4.58 18.17
CA ILE B 331 -30.82 -3.47 18.38
C ILE B 331 -31.39 -2.55 19.47
N ASN B 332 -32.65 -2.13 19.31
CA ASN B 332 -33.26 -1.23 20.30
C ASN B 332 -33.20 -1.84 21.71
N ALA B 333 -33.41 -3.14 21.82
CA ALA B 333 -33.26 -3.85 23.10
C ALA B 333 -31.86 -3.76 23.66
N LEU B 334 -30.83 -3.93 22.81
CA LEU B 334 -29.43 -3.73 23.25
C LEU B 334 -29.15 -2.31 23.69
N PHE B 335 -29.74 -1.33 22.98
CA PHE B 335 -29.59 0.09 23.36
C PHE B 335 -30.14 0.38 24.75
N GLU B 336 -31.28 -0.23 25.08
CA GLU B 336 -31.88 -0.05 26.40
CA GLU B 336 -31.89 -0.06 26.39
C GLU B 336 -31.05 -0.74 27.46
N ALA B 337 -30.48 -1.90 27.13
CA ALA B 337 -29.67 -2.64 28.10
C ALA B 337 -28.32 -1.99 28.35
N THR B 338 -27.68 -1.46 27.31
CA THR B 338 -26.26 -1.05 27.40
C THR B 338 -25.98 0.43 27.19
N GLY B 339 -26.96 1.16 26.69
CA GLY B 339 -26.78 2.57 26.33
C GLY B 339 -26.61 2.81 24.84
N GLY B 340 -26.19 1.79 24.09
CA GLY B 340 -26.10 1.84 22.64
C GLY B 340 -24.72 2.15 22.08
N TRP B 341 -24.73 2.73 20.89
CA TRP B 341 -23.52 3.03 20.13
C TRP B 341 -23.83 3.89 18.91
N GLY B 342 -22.78 4.41 18.29
CA GLY B 342 -22.85 5.25 17.10
C GLY B 342 -22.87 4.53 15.77
N THR B 343 -22.12 3.44 15.65
CA THR B 343 -22.08 2.69 14.37
C THR B 343 -22.20 1.20 14.62
N LEU B 344 -23.12 0.61 13.90
CA LEU B 344 -23.26 -0.84 13.87
C LEU B 344 -22.26 -1.38 12.83
N GLN B 345 -21.18 -2.03 13.27
CA GLN B 345 -20.13 -2.49 12.33
C GLN B 345 -20.44 -3.93 11.96
N VAL B 346 -20.96 -4.15 10.76
CA VAL B 346 -21.39 -5.47 10.29
C VAL B 346 -20.19 -6.31 9.82
N GLU B 347 -20.00 -7.47 10.44
CA GLU B 347 -18.93 -8.38 10.07
C GLU B 347 -19.22 -9.02 8.71
N ALA B 348 -18.33 -8.76 7.75
CA ALA B 348 -18.49 -9.28 6.39
C ALA B 348 -18.13 -10.75 6.29
N HIS B 349 -18.85 -11.45 5.42
CA HIS B 349 -18.55 -12.85 5.15
C HIS B 349 -18.43 -13.10 3.68
N ASP B 350 -17.94 -14.30 3.36
CA ASP B 350 -17.58 -14.65 1.98
C ASP B 350 -18.82 -15.00 1.15
N TYR B 351 -19.45 -13.97 0.60
CA TYR B 351 -20.56 -14.12 -0.35
C TYR B 351 -20.12 -13.84 -1.77
N TYR B 352 -18.82 -13.97 -2.05
CA TYR B 352 -18.26 -13.67 -3.38
C TYR B 352 -18.90 -14.52 -4.48
N ASP B 353 -19.28 -15.75 -4.15
CA ASP B 353 -19.95 -16.59 -5.16
C ASP B 353 -21.36 -16.21 -5.51
N ASP B 354 -22.04 -15.53 -4.60
CA ASP B 354 -23.48 -15.30 -4.79
C ASP B 354 -23.91 -14.19 -3.83
N PRO B 355 -23.56 -12.94 -4.22
CA PRO B 355 -23.67 -11.71 -3.45
C PRO B 355 -25.09 -11.23 -3.18
N ALA B 356 -26.04 -11.59 -4.05
CA ALA B 356 -27.39 -10.99 -4.02
C ALA B 356 -28.04 -10.99 -2.64
N PRO B 357 -28.14 -12.14 -1.96
CA PRO B 357 -28.79 -12.11 -0.64
C PRO B 357 -28.04 -11.30 0.43
N TRP B 358 -26.72 -11.21 0.30
CA TRP B 358 -25.88 -10.46 1.23
C TRP B 358 -25.99 -8.95 0.95
N PHE B 359 -25.91 -8.55 -0.31
CA PHE B 359 -26.08 -7.14 -0.66
C PHE B 359 -27.49 -6.64 -0.32
N GLN B 360 -28.49 -7.51 -0.48
CA GLN B 360 -29.86 -7.14 -0.09
CA GLN B 360 -29.86 -7.19 -0.08
C GLN B 360 -29.95 -6.96 1.41
N SER B 361 -29.28 -7.82 2.20
CA SER B 361 -29.23 -7.66 3.65
C SER B 361 -28.62 -6.34 4.08
N LEU B 362 -27.48 -6.00 3.50
CA LEU B 362 -26.81 -4.74 3.83
C LEU B 362 -27.67 -3.54 3.52
N GLU B 363 -28.33 -3.57 2.36
CA GLU B 363 -29.24 -2.49 1.96
C GLU B 363 -30.38 -2.34 2.96
N LEU B 364 -30.97 -3.45 3.37
CA LEU B 364 -31.99 -3.43 4.41
C LEU B 364 -31.50 -2.88 5.74
N ILE B 365 -30.32 -3.32 6.19
CA ILE B 365 -29.77 -2.84 7.46
C ILE B 365 -29.57 -1.34 7.37
N SER B 366 -28.95 -0.89 6.29
CA SER B 366 -28.57 0.51 6.12
C SER B 366 -29.77 1.45 5.94
N LYS B 367 -30.75 1.05 5.13
CA LYS B 367 -31.88 1.92 4.75
CA LYS B 367 -31.88 1.94 4.77
C LYS B 367 -33.12 1.74 5.65
N GLU B 368 -33.40 0.52 6.10
CA GLU B 368 -34.63 0.23 6.84
CA GLU B 368 -34.63 0.23 6.84
C GLU B 368 -34.44 0.06 8.34
N VAL B 369 -33.30 -0.42 8.79
CA VAL B 369 -33.09 -0.69 10.22
C VAL B 369 -32.49 0.53 10.92
N ALA B 370 -31.33 0.95 10.44
CA ALA B 370 -30.50 1.89 11.15
C ALA B 370 -31.19 3.23 11.45
N PRO B 371 -32.00 3.74 10.49
CA PRO B 371 -32.68 5.01 10.77
C PRO B 371 -33.71 4.95 11.89
N LYS B 372 -34.16 3.75 12.26
CA LYS B 372 -35.18 3.58 13.28
CA LYS B 372 -35.18 3.54 13.28
C LYS B 372 -34.62 3.30 14.67
N ILE B 373 -33.30 3.36 14.85
CA ILE B 373 -32.71 3.06 16.15
C ILE B 373 -32.72 4.28 17.12
N LEU B 374 -33.04 4.02 18.38
CA LEU B 374 -33.02 5.00 19.46
C LEU B 374 -31.71 5.74 19.64
N LEU B 375 -31.75 6.96 20.18
CA LEU B 375 -30.52 7.70 20.45
C LEU B 375 -29.70 7.00 21.52
N PRO B 376 -28.37 7.03 21.41
CA PRO B 376 -27.54 6.41 22.45
C PRO B 376 -27.49 7.22 23.74
N LYS B 377 -27.21 6.58 24.88
CA LYS B 377 -27.10 7.29 26.17
C LYS B 377 -25.93 8.29 26.16
N ARG B 378 -26.18 9.56 26.48
CA ARG B 378 -25.10 10.55 26.61
C ARG B 378 -24.17 10.26 27.78
#